data_7S0N
#
_entry.id   7S0N
#
_entity_poly.entity_id   1
_entity_poly.type   'polypeptide(L)'
_entity_poly.pdbx_seq_one_letter_code
;ADATDDYPIPNRIMRTPCTAEQIMAAARDVEPVYYERYMTDYKNKPPHVQQAARDRIHWFFSMDYAGRRQYSENTATDAF
FEQLAWMWPNWAKLFFNNKGVAANTTDVCEQYPPDDMSVWNW
;
_entity_poly.pdbx_strand_id   A
#
# COMPACT_ATOMS: atom_id res chain seq x y z
N ALA A 1 20.27 19.19 0.58
CA ALA A 1 19.08 18.33 0.82
C ALA A 1 18.66 17.64 -0.45
N ASP A 2 18.52 18.43 -1.55
CA ASP A 2 18.12 17.88 -2.83
C ASP A 2 16.70 17.39 -2.70
N ALA A 3 16.32 16.43 -3.56
CA ALA A 3 15.00 15.89 -3.51
C ALA A 3 15.09 14.48 -4.01
N THR A 4 14.14 13.62 -3.58
CA THR A 4 14.15 12.24 -4.00
C THR A 4 12.76 11.92 -4.49
N ASP A 5 12.64 10.80 -5.24
CA ASP A 5 11.36 10.40 -5.77
C ASP A 5 10.76 9.40 -4.82
N ASP A 6 11.37 9.25 -3.62
CA ASP A 6 10.87 8.31 -2.65
C ASP A 6 9.73 8.95 -1.92
N TYR A 7 9.55 10.28 -2.08
CA TYR A 7 8.47 10.99 -1.45
C TYR A 7 7.70 11.74 -2.54
N PRO A 8 6.34 11.74 -2.52
CA PRO A 8 5.51 11.09 -1.52
C PRO A 8 5.40 9.59 -1.70
N ILE A 9 4.19 9.02 -1.50
CA ILE A 9 4.00 7.58 -1.62
C ILE A 9 4.64 7.14 -2.92
N PRO A 10 5.43 6.07 -2.85
CA PRO A 10 6.16 5.53 -3.99
C PRO A 10 5.42 5.65 -5.30
N ASN A 11 6.07 6.36 -6.25
CA ASN A 11 5.49 6.57 -7.56
C ASN A 11 5.31 5.24 -8.23
N ARG A 12 6.28 4.33 -8.06
CA ARG A 12 6.19 3.04 -8.73
C ARG A 12 4.97 2.29 -8.23
N ILE A 13 4.69 2.36 -6.92
CA ILE A 13 3.55 1.66 -6.36
C ILE A 13 2.28 2.39 -6.74
N MET A 14 2.28 3.73 -6.62
CA MET A 14 1.10 4.51 -6.92
C MET A 14 0.73 4.47 -8.38
N ARG A 15 1.73 4.50 -9.30
CA ARG A 15 1.42 4.55 -10.71
C ARG A 15 1.41 3.16 -11.31
N THR A 16 0.87 2.15 -10.59
CA THR A 16 0.82 0.83 -11.14
C THR A 16 -0.58 0.34 -10.91
N PRO A 17 -1.20 -0.20 -11.92
CA PRO A 17 -2.53 -0.72 -11.77
C PRO A 17 -2.53 -2.14 -11.31
N CYS A 18 -2.58 -2.32 -9.97
CA CYS A 18 -2.60 -3.65 -9.42
C CYS A 18 -3.51 -3.59 -8.23
N THR A 19 -4.17 -4.71 -7.91
CA THR A 19 -5.05 -4.73 -6.77
C THR A 19 -4.20 -4.84 -5.54
N ALA A 20 -4.80 -4.57 -4.37
CA ALA A 20 -4.08 -4.66 -3.13
C ALA A 20 -3.69 -6.09 -2.93
N GLU A 21 -4.61 -7.01 -3.27
CA GLU A 21 -4.35 -8.42 -3.13
C GLU A 21 -3.17 -8.78 -3.99
N GLN A 22 -3.10 -8.18 -5.19
CA GLN A 22 -2.03 -8.47 -6.11
C GLN A 22 -0.70 -8.03 -5.55
N ILE A 23 -0.62 -6.78 -5.05
CA ILE A 23 0.62 -6.27 -4.51
C ILE A 23 0.94 -6.98 -3.23
N MET A 24 -0.08 -7.21 -2.38
CA MET A 24 0.15 -7.87 -1.11
C MET A 24 0.66 -9.26 -1.37
N ALA A 25 0.13 -9.97 -2.39
CA ALA A 25 0.58 -11.31 -2.69
C ALA A 25 2.03 -11.25 -3.09
N ALA A 26 2.39 -10.25 -3.91
CA ALA A 26 3.76 -10.11 -4.35
C ALA A 26 4.63 -9.79 -3.16
N ALA A 27 4.12 -8.90 -2.28
CA ALA A 27 4.88 -8.47 -1.12
C ALA A 27 5.17 -9.62 -0.20
N ARG A 28 4.20 -10.53 0.04
CA ARG A 28 4.45 -11.62 0.96
C ARG A 28 5.45 -12.58 0.38
N ASP A 29 5.54 -12.68 -0.95
CA ASP A 29 6.49 -13.59 -1.54
C ASP A 29 7.84 -12.92 -1.59
N VAL A 30 7.88 -11.66 -2.06
CA VAL A 30 9.13 -10.95 -2.19
C VAL A 30 9.74 -10.68 -0.83
N GLU A 31 8.95 -10.17 0.14
CA GLU A 31 9.50 -9.87 1.45
C GLU A 31 8.54 -10.38 2.49
N PRO A 32 8.66 -11.63 2.84
CA PRO A 32 7.78 -12.23 3.83
C PRO A 32 8.06 -11.73 5.21
N VAL A 33 9.32 -11.35 5.47
CA VAL A 33 9.71 -10.86 6.77
C VAL A 33 9.00 -9.55 7.04
N TYR A 34 9.04 -8.63 6.05
CA TYR A 34 8.40 -7.34 6.22
C TYR A 34 6.91 -7.52 6.17
N TYR A 35 6.43 -8.49 5.36
CA TYR A 35 5.02 -8.72 5.23
C TYR A 35 4.46 -9.13 6.56
N GLU A 36 5.16 -10.07 7.25
CA GLU A 36 4.70 -10.55 8.54
C GLU A 36 4.66 -9.40 9.51
N ARG A 37 5.66 -8.48 9.44
CA ARG A 37 5.68 -7.35 10.36
C ARG A 37 4.44 -6.53 10.11
N TYR A 38 4.12 -6.27 8.82
CA TYR A 38 2.94 -5.51 8.48
C TYR A 38 1.72 -6.23 8.97
N MET A 39 1.65 -7.55 8.71
CA MET A 39 0.50 -8.34 9.11
C MET A 39 0.34 -8.32 10.61
N THR A 40 1.46 -8.36 11.35
CA THR A 40 1.38 -8.36 12.80
C THR A 40 0.75 -7.05 13.23
N ASP A 41 1.19 -5.93 12.62
CA ASP A 41 0.65 -4.64 12.99
C ASP A 41 -0.77 -4.55 12.48
N TYR A 42 -1.05 -5.17 11.33
CA TYR A 42 -2.37 -5.14 10.74
C TYR A 42 -3.34 -5.82 11.69
N LYS A 43 -2.95 -6.97 12.28
CA LYS A 43 -3.83 -7.66 13.19
C LYS A 43 -3.89 -6.90 14.50
N ASN A 44 -2.89 -6.03 14.76
CA ASN A 44 -2.86 -5.28 15.99
C ASN A 44 -3.97 -4.26 16.02
N LYS A 45 -4.32 -3.65 14.86
CA LYS A 45 -5.34 -2.66 14.83
C LYS A 45 -6.66 -3.39 14.79
N PRO A 46 -7.69 -2.75 15.28
CA PRO A 46 -9.01 -3.36 15.31
C PRO A 46 -9.59 -3.51 13.94
N PRO A 47 -10.57 -4.38 13.78
CA PRO A 47 -11.20 -4.63 12.49
C PRO A 47 -11.68 -3.39 11.81
N HIS A 48 -12.11 -2.38 12.60
CA HIS A 48 -12.59 -1.14 12.04
C HIS A 48 -11.50 -0.48 11.24
N VAL A 49 -10.26 -0.43 11.80
CA VAL A 49 -9.18 0.22 11.11
C VAL A 49 -8.71 -0.69 10.00
N GLN A 50 -8.71 -2.01 10.26
CA GLN A 50 -8.27 -2.96 9.24
C GLN A 50 -9.16 -2.83 8.04
N GLN A 51 -10.49 -2.75 8.25
CA GLN A 51 -11.42 -2.62 7.17
C GLN A 51 -11.28 -1.24 6.59
N ALA A 52 -11.05 -0.23 7.45
CA ALA A 52 -10.91 1.13 6.97
C ALA A 52 -9.73 1.24 6.05
N ALA A 53 -8.61 0.55 6.41
CA ALA A 53 -7.41 0.59 5.60
C ALA A 53 -7.70 -0.07 4.29
N ARG A 54 -8.44 -1.20 4.35
CA ARG A 54 -8.78 -1.92 3.16
C ARG A 54 -9.65 -1.07 2.27
N ASP A 55 -10.60 -0.34 2.86
CA ASP A 55 -11.49 0.50 2.07
C ASP A 55 -10.68 1.55 1.35
N ARG A 56 -9.70 2.16 2.06
CA ARG A 56 -8.89 3.20 1.46
C ARG A 56 -8.04 2.64 0.34
N ILE A 57 -7.50 1.41 0.48
CA ILE A 57 -6.64 0.87 -0.56
C ILE A 57 -7.51 0.42 -1.69
N HIS A 58 -8.80 0.11 -1.39
CA HIS A 58 -9.72 -0.34 -2.39
C HIS A 58 -9.98 0.81 -3.33
N TRP A 59 -10.15 2.02 -2.74
CA TRP A 59 -10.40 3.20 -3.54
C TRP A 59 -9.19 3.49 -4.39
N PHE A 60 -7.97 3.22 -3.85
CA PHE A 60 -6.78 3.48 -4.60
C PHE A 60 -6.79 2.67 -5.88
N PHE A 61 -7.06 1.35 -5.79
CA PHE A 61 -7.10 0.52 -6.97
C PHE A 61 -8.20 1.00 -7.90
N SER A 62 -9.41 1.26 -7.34
CA SER A 62 -10.52 1.67 -8.17
C SER A 62 -10.22 2.96 -8.91
N MET A 63 -9.66 3.98 -8.21
CA MET A 63 -9.38 5.23 -8.87
C MET A 63 -8.19 5.05 -9.78
N ASP A 64 -7.21 4.23 -9.33
CA ASP A 64 -6.04 3.92 -10.10
C ASP A 64 -5.18 5.17 -10.23
N TYR A 65 -5.02 5.68 -11.47
CA TYR A 65 -4.21 6.85 -11.69
C TYR A 65 -4.83 8.01 -10.96
N ALA A 66 -6.18 8.09 -10.93
CA ALA A 66 -6.84 9.16 -10.25
C ALA A 66 -6.49 9.10 -8.78
N GLY A 67 -6.44 7.87 -8.22
CA GLY A 67 -6.11 7.71 -6.82
C GLY A 67 -4.70 8.14 -6.62
N ARG A 68 -3.81 7.77 -7.57
CA ARG A 68 -2.41 8.14 -7.48
C ARG A 68 -2.30 9.64 -7.43
N ARG A 69 -3.02 10.34 -8.32
CA ARG A 69 -2.96 11.78 -8.37
C ARG A 69 -3.45 12.37 -7.08
N GLN A 70 -4.61 11.90 -6.56
CA GLN A 70 -5.15 12.45 -5.34
C GLN A 70 -4.28 12.10 -4.16
N TYR A 71 -3.77 10.86 -4.08
CA TYR A 71 -2.95 10.49 -2.96
C TYR A 71 -1.69 11.29 -2.97
N SER A 72 -1.08 11.48 -4.16
CA SER A 72 0.14 12.24 -4.25
C SER A 72 -0.12 13.67 -3.85
N GLU A 73 -1.22 14.27 -4.36
CA GLU A 73 -1.53 15.64 -4.05
C GLU A 73 -1.93 15.79 -2.60
N ASN A 74 -2.76 14.86 -2.08
CA ASN A 74 -3.21 14.97 -0.71
C ASN A 74 -2.03 14.87 0.24
N THR A 75 -1.09 13.94 0.00
CA THR A 75 0.04 13.79 0.89
C THR A 75 0.98 14.94 0.70
N ALA A 76 1.10 15.46 -0.54
CA ALA A 76 1.99 16.57 -0.79
C ALA A 76 1.51 17.77 -0.02
N THR A 77 0.16 17.96 0.03
CA THR A 77 -0.39 19.09 0.72
C THR A 77 -0.23 18.88 2.20
N ASP A 78 -0.53 17.67 2.70
CA ASP A 78 -0.40 17.42 4.11
C ASP A 78 -0.27 15.93 4.29
N ALA A 79 0.81 15.49 4.96
CA ALA A 79 1.02 14.08 5.18
C ALA A 79 -0.08 13.53 6.03
N PHE A 80 -0.55 14.33 7.02
CA PHE A 80 -1.60 13.88 7.90
C PHE A 80 -2.95 14.19 7.31
N PHE A 81 -3.02 14.35 5.95
CA PHE A 81 -4.28 14.63 5.30
C PHE A 81 -5.15 13.41 5.38
N GLU A 82 -4.52 12.22 5.22
CA GLU A 82 -5.27 10.98 5.25
C GLU A 82 -5.89 10.85 6.61
N GLN A 83 -7.22 10.58 6.64
CA GLN A 83 -7.94 10.46 7.89
C GLN A 83 -7.60 9.14 8.54
N LEU A 84 -6.94 8.23 7.79
CA LEU A 84 -6.57 6.95 8.33
C LEU A 84 -5.34 7.14 9.17
N ALA A 85 -4.50 8.13 8.80
CA ALA A 85 -3.29 8.39 9.55
C ALA A 85 -3.67 8.85 10.92
N TRP A 86 -4.91 9.36 11.07
CA TRP A 86 -5.37 9.85 12.34
C TRP A 86 -5.55 8.68 13.27
N MET A 87 -6.05 7.54 12.74
CA MET A 87 -6.28 6.39 13.58
C MET A 87 -5.04 5.54 13.62
N TRP A 88 -4.37 5.37 12.46
CA TRP A 88 -3.19 4.54 12.43
C TRP A 88 -2.38 4.96 11.22
N PRO A 89 -1.19 5.45 11.45
CA PRO A 89 -0.32 5.92 10.38
C PRO A 89 0.40 4.83 9.65
N ASN A 90 0.28 3.58 10.14
CA ASN A 90 0.98 2.47 9.52
C ASN A 90 -0.04 1.64 8.80
N TRP A 91 -1.21 2.24 8.46
CA TRP A 91 -2.26 1.50 7.78
C TRP A 91 -1.74 0.98 6.45
N ALA A 92 -0.79 1.71 5.81
CA ALA A 92 -0.27 1.25 4.55
C ALA A 92 1.22 1.38 4.58
N LYS A 93 1.89 0.67 5.51
CA LYS A 93 3.33 0.73 5.59
C LYS A 93 3.89 -0.25 4.60
N LEU A 94 3.13 -1.33 4.31
CA LEU A 94 3.58 -2.33 3.37
C LEU A 94 3.68 -1.70 2.01
N PHE A 95 2.67 -0.88 1.63
CA PHE A 95 2.67 -0.26 0.34
C PHE A 95 3.68 0.85 0.32
N PHE A 96 3.85 1.55 1.47
CA PHE A 96 4.78 2.64 1.55
C PHE A 96 6.16 2.07 1.76
N ASN A 97 6.77 1.53 0.69
CA ASN A 97 8.08 0.97 0.80
C ASN A 97 8.80 1.39 -0.46
N ASN A 98 9.97 2.05 -0.30
CA ASN A 98 10.70 2.55 -1.44
C ASN A 98 11.93 1.74 -1.67
N LYS A 99 12.06 0.60 -1.01
CA LYS A 99 13.22 -0.21 -1.23
C LYS A 99 12.99 -0.94 -2.52
N GLY A 100 13.73 -2.03 -2.73
CA GLY A 100 13.59 -2.84 -3.93
C GLY A 100 12.20 -3.39 -3.95
N VAL A 101 11.48 -3.26 -2.81
CA VAL A 101 10.14 -3.74 -2.67
C VAL A 101 9.27 -3.08 -3.71
N ALA A 102 9.40 -1.75 -3.87
CA ALA A 102 8.57 -1.04 -4.82
C ALA A 102 8.82 -1.53 -6.22
N ALA A 103 10.10 -1.74 -6.59
CA ALA A 103 10.41 -2.17 -7.93
C ALA A 103 9.98 -3.59 -8.15
N ASN A 104 10.23 -4.47 -7.17
CA ASN A 104 9.88 -5.87 -7.32
C ASN A 104 8.39 -6.07 -7.32
N THR A 105 7.64 -5.37 -6.45
CA THR A 105 6.21 -5.58 -6.38
C THR A 105 5.54 -5.03 -7.61
N THR A 106 5.99 -3.87 -8.12
CA THR A 106 5.37 -3.29 -9.28
C THR A 106 5.60 -4.17 -10.48
N ASP A 107 6.81 -4.74 -10.59
CA ASP A 107 7.15 -5.55 -11.74
C ASP A 107 6.53 -6.93 -11.66
N VAL A 108 5.87 -7.32 -10.54
CA VAL A 108 5.34 -8.68 -10.47
C VAL A 108 3.90 -8.66 -10.05
N CYS A 109 3.37 -7.51 -9.57
CA CYS A 109 1.99 -7.47 -9.16
C CYS A 109 1.13 -7.61 -10.38
N GLU A 110 1.75 -7.42 -11.55
CA GLU A 110 1.04 -7.51 -12.79
C GLU A 110 0.92 -8.97 -13.18
N GLN A 111 1.57 -9.89 -12.44
CA GLN A 111 1.51 -11.28 -12.81
C GLN A 111 0.77 -12.08 -11.76
N TYR A 112 0.83 -11.65 -10.48
CA TYR A 112 0.14 -12.41 -9.44
C TYR A 112 -1.35 -12.22 -9.58
N PRO A 113 -2.11 -13.23 -9.21
CA PRO A 113 -3.56 -13.18 -9.27
C PRO A 113 -4.16 -12.14 -8.36
N PRO A 114 -5.18 -11.43 -8.81
CA PRO A 114 -5.84 -10.41 -8.02
C PRO A 114 -6.91 -10.97 -7.12
N ASP A 115 -7.19 -12.28 -7.26
CA ASP A 115 -8.23 -12.90 -6.48
C ASP A 115 -7.60 -13.64 -5.34
N ASP A 116 -6.34 -13.32 -5.00
CA ASP A 116 -5.68 -13.99 -3.92
C ASP A 116 -6.16 -13.32 -2.66
N MET A 117 -7.20 -13.92 -2.01
CA MET A 117 -7.74 -13.35 -0.80
C MET A 117 -7.01 -13.91 0.39
N SER A 118 -6.02 -14.80 0.15
CA SER A 118 -5.28 -15.37 1.24
C SER A 118 -4.34 -14.34 1.79
N VAL A 119 -4.21 -13.20 1.09
CA VAL A 119 -3.32 -12.16 1.55
C VAL A 119 -3.96 -11.46 2.72
N TRP A 120 -5.32 -11.48 2.78
CA TRP A 120 -6.00 -10.81 3.87
C TRP A 120 -5.93 -11.68 5.10
N ASN A 121 -5.85 -13.02 4.91
CA ASN A 121 -5.78 -13.90 6.04
C ASN A 121 -4.70 -14.90 5.76
N TRP A 122 -3.49 -14.65 6.29
CA TRP A 122 -2.39 -15.54 6.08
C TRP A 122 -2.40 -16.56 7.23
N ALA A 1 17.48 18.44 -2.22
CA ALA A 1 16.16 17.89 -2.70
C ALA A 1 15.43 17.22 -1.58
N ASP A 2 16.17 16.43 -0.75
CA ASP A 2 15.57 15.73 0.37
C ASP A 2 14.53 14.78 -0.18
N ALA A 3 14.89 14.04 -1.24
CA ALA A 3 13.97 13.11 -1.82
C ALA A 3 14.77 11.99 -2.40
N THR A 4 14.17 10.78 -2.46
CA THR A 4 14.86 9.64 -3.00
C THR A 4 13.87 8.94 -3.89
N ASP A 5 14.32 7.84 -4.52
CA ASP A 5 13.44 7.09 -5.40
C ASP A 5 12.29 6.51 -4.61
N ASP A 6 12.55 6.08 -3.35
CA ASP A 6 11.51 5.47 -2.57
C ASP A 6 10.94 6.46 -1.56
N TYR A 7 11.31 7.75 -1.66
CA TYR A 7 10.77 8.74 -0.74
C TYR A 7 10.56 10.06 -1.49
N PRO A 8 9.31 10.59 -1.61
CA PRO A 8 8.09 10.02 -1.02
C PRO A 8 7.59 8.78 -1.73
N ILE A 9 6.25 8.66 -1.87
CA ILE A 9 5.66 7.48 -2.48
C ILE A 9 6.34 7.25 -3.82
N PRO A 10 6.85 6.04 -4.00
CA PRO A 10 7.56 5.68 -5.23
C PRO A 10 6.75 5.86 -6.48
N ASN A 11 7.45 6.32 -7.54
CA ASN A 11 6.83 6.56 -8.81
C ASN A 11 6.30 5.24 -9.35
N ARG A 12 7.06 4.15 -9.16
CA ARG A 12 6.64 2.86 -9.68
C ARG A 12 5.36 2.44 -9.01
N ILE A 13 5.25 2.63 -7.68
CA ILE A 13 4.04 2.24 -6.97
C ILE A 13 2.91 3.12 -7.39
N MET A 14 3.20 4.43 -7.59
CA MET A 14 2.17 5.37 -7.97
C MET A 14 1.60 4.97 -9.32
N ARG A 15 2.45 4.52 -10.27
CA ARG A 15 1.95 4.19 -11.59
C ARG A 15 1.90 2.68 -11.78
N THR A 16 1.51 1.91 -10.74
CA THR A 16 1.42 0.47 -10.92
C THR A 16 -0.04 0.12 -10.86
N PRO A 17 -0.58 -0.33 -11.96
CA PRO A 17 -1.97 -0.71 -11.96
C PRO A 17 -2.14 -2.15 -11.56
N CYS A 18 -2.32 -2.37 -10.25
CA CYS A 18 -2.52 -3.71 -9.75
C CYS A 18 -3.50 -3.61 -8.63
N THR A 19 -4.17 -4.74 -8.32
CA THR A 19 -5.13 -4.76 -7.24
C THR A 19 -4.36 -4.93 -5.96
N ALA A 20 -5.05 -4.72 -4.82
CA ALA A 20 -4.44 -4.83 -3.53
C ALA A 20 -4.04 -6.25 -3.29
N GLU A 21 -4.90 -7.20 -3.69
CA GLU A 21 -4.60 -8.59 -3.49
C GLU A 21 -3.37 -8.93 -4.29
N GLN A 22 -3.27 -8.34 -5.49
CA GLN A 22 -2.14 -8.58 -6.36
C GLN A 22 -0.87 -8.07 -5.73
N ILE A 23 -0.89 -6.83 -5.17
CA ILE A 23 0.31 -6.27 -4.59
C ILE A 23 0.60 -6.94 -3.28
N MET A 24 -0.46 -7.22 -2.48
CA MET A 24 -0.26 -7.85 -1.19
C MET A 24 0.37 -9.21 -1.41
N ALA A 25 -0.09 -9.96 -2.43
CA ALA A 25 0.47 -11.26 -2.70
C ALA A 25 1.91 -11.11 -3.12
N ALA A 26 2.20 -10.10 -3.96
CA ALA A 26 3.54 -9.86 -4.42
C ALA A 26 4.42 -9.50 -3.25
N ALA A 27 3.90 -8.64 -2.35
CA ALA A 27 4.65 -8.21 -1.20
C ALA A 27 4.97 -9.39 -0.32
N ARG A 28 4.00 -10.31 -0.17
CA ARG A 28 4.19 -11.47 0.68
C ARG A 28 5.33 -12.30 0.17
N ASP A 29 5.38 -12.57 -1.15
CA ASP A 29 6.42 -13.37 -1.71
C ASP A 29 7.73 -12.61 -1.75
N VAL A 30 7.69 -11.33 -2.17
CA VAL A 30 8.91 -10.55 -2.31
C VAL A 30 9.58 -10.37 -0.98
N GLU A 31 8.85 -9.95 0.07
CA GLU A 31 9.47 -9.74 1.35
C GLU A 31 8.51 -10.17 2.41
N PRO A 32 8.59 -11.43 2.80
CA PRO A 32 7.70 -11.97 3.80
C PRO A 32 8.02 -11.44 5.17
N VAL A 33 9.30 -11.10 5.40
CA VAL A 33 9.73 -10.59 6.67
C VAL A 33 9.05 -9.26 6.91
N TYR A 34 9.10 -8.36 5.90
CA TYR A 34 8.49 -7.05 6.04
C TYR A 34 7.00 -7.20 5.98
N TYR A 35 6.51 -8.18 5.18
CA TYR A 35 5.10 -8.40 5.04
C TYR A 35 4.53 -8.79 6.38
N GLU A 36 5.22 -9.69 7.10
CA GLU A 36 4.76 -10.13 8.41
C GLU A 36 4.68 -8.95 9.33
N ARG A 37 5.68 -8.03 9.26
CA ARG A 37 5.66 -6.88 10.14
C ARG A 37 4.41 -6.08 9.86
N TYR A 38 4.10 -5.86 8.57
CA TYR A 38 2.92 -5.13 8.20
C TYR A 38 1.70 -5.87 8.68
N MET A 39 1.67 -7.20 8.44
CA MET A 39 0.55 -8.01 8.84
C MET A 39 0.35 -7.98 10.33
N THR A 40 1.45 -8.02 11.11
CA THR A 40 1.33 -8.00 12.56
C THR A 40 0.70 -6.70 12.95
N ASP A 41 1.15 -5.58 12.34
CA ASP A 41 0.61 -4.28 12.66
C ASP A 41 -0.83 -4.24 12.19
N TYR A 42 -1.10 -4.83 11.01
CA TYR A 42 -2.42 -4.83 10.44
C TYR A 42 -3.36 -5.55 11.37
N LYS A 43 -2.98 -6.76 11.85
CA LYS A 43 -3.86 -7.51 12.73
C LYS A 43 -3.90 -6.86 14.10
N ASN A 44 -2.89 -6.03 14.43
CA ASN A 44 -2.84 -5.38 15.72
C ASN A 44 -3.94 -4.36 15.83
N LYS A 45 -4.25 -3.62 14.73
CA LYS A 45 -5.26 -2.61 14.80
C LYS A 45 -6.60 -3.29 14.77
N PRO A 46 -7.60 -2.63 15.31
CA PRO A 46 -8.95 -3.17 15.36
C PRO A 46 -9.49 -3.48 14.00
N PRO A 47 -10.37 -4.46 13.90
CA PRO A 47 -10.97 -4.85 12.63
C PRO A 47 -11.60 -3.70 11.89
N HIS A 48 -12.09 -2.70 12.64
CA HIS A 48 -12.70 -1.55 12.04
C HIS A 48 -11.67 -0.78 11.27
N VAL A 49 -10.42 -0.69 11.78
CA VAL A 49 -9.39 0.06 11.11
C VAL A 49 -8.84 -0.82 10.02
N GLN A 50 -8.80 -2.16 10.27
CA GLN A 50 -8.30 -3.07 9.27
C GLN A 50 -9.19 -2.99 8.06
N GLN A 51 -10.52 -2.98 8.30
CA GLN A 51 -11.46 -2.89 7.21
C GLN A 51 -11.37 -1.51 6.61
N ALA A 52 -11.20 -0.49 7.47
CA ALA A 52 -11.12 0.87 6.99
C ALA A 52 -9.91 1.03 6.09
N ALA A 53 -8.77 0.43 6.48
CA ALA A 53 -7.56 0.56 5.69
C ALA A 53 -7.76 -0.13 4.39
N ARG A 54 -8.41 -1.32 4.43
CA ARG A 54 -8.65 -2.06 3.24
C ARG A 54 -9.60 -1.30 2.35
N ASP A 55 -10.64 -0.68 2.94
CA ASP A 55 -11.61 0.06 2.16
C ASP A 55 -10.91 1.22 1.51
N ARG A 56 -10.04 1.93 2.26
CA ARG A 56 -9.35 3.08 1.71
C ARG A 56 -8.41 2.65 0.61
N ILE A 57 -7.72 1.50 0.75
CA ILE A 57 -6.77 1.10 -0.27
C ILE A 57 -7.56 0.60 -1.46
N HIS A 58 -8.75 0.05 -1.21
CA HIS A 58 -9.58 -0.47 -2.26
C HIS A 58 -10.03 0.70 -3.10
N TRP A 59 -10.43 1.80 -2.42
CA TRP A 59 -10.89 2.98 -3.09
C TRP A 59 -9.76 3.56 -3.92
N PHE A 60 -8.55 3.63 -3.34
CA PHE A 60 -7.42 4.19 -4.06
C PHE A 60 -7.09 3.32 -5.24
N PHE A 61 -7.11 1.98 -5.09
CA PHE A 61 -6.81 1.11 -6.20
C PHE A 61 -7.92 1.19 -7.22
N SER A 62 -9.17 1.44 -6.78
CA SER A 62 -10.27 1.52 -7.70
C SER A 62 -10.03 2.69 -8.63
N MET A 63 -9.56 3.83 -8.06
CA MET A 63 -9.27 4.98 -8.89
C MET A 63 -8.02 4.67 -9.66
N ASP A 64 -7.10 3.95 -9.00
CA ASP A 64 -5.87 3.51 -9.60
C ASP A 64 -4.89 4.64 -9.68
N TYR A 65 -4.51 5.05 -10.91
CA TYR A 65 -3.54 6.10 -11.09
C TYR A 65 -4.05 7.36 -10.45
N ALA A 66 -5.34 7.69 -10.69
CA ALA A 66 -5.90 8.90 -10.14
C ALA A 66 -5.85 8.86 -8.63
N GLY A 67 -6.17 7.69 -8.04
CA GLY A 67 -6.18 7.57 -6.59
C GLY A 67 -4.80 7.76 -6.06
N ARG A 68 -3.81 7.10 -6.68
CA ARG A 68 -2.44 7.20 -6.20
C ARG A 68 -1.91 8.59 -6.42
N ARG A 69 -2.27 9.22 -7.57
CA ARG A 69 -1.79 10.56 -7.85
C ARG A 69 -2.29 11.50 -6.78
N GLN A 70 -3.61 11.42 -6.45
CA GLN A 70 -4.16 12.29 -5.44
C GLN A 70 -3.60 11.92 -4.10
N TYR A 71 -3.42 10.61 -3.84
CA TYR A 71 -2.90 10.17 -2.57
C TYR A 71 -1.52 10.76 -2.37
N SER A 72 -0.65 10.65 -3.41
CA SER A 72 0.69 11.18 -3.30
C SER A 72 0.65 12.67 -3.10
N GLU A 73 -0.18 13.38 -3.90
CA GLU A 73 -0.25 14.82 -3.79
C GLU A 73 -0.84 15.22 -2.47
N ASN A 74 -1.93 14.54 -2.03
CA ASN A 74 -2.57 14.89 -0.77
C ASN A 74 -1.64 14.64 0.39
N THR A 75 -0.89 13.52 0.37
CA THR A 75 0.00 13.23 1.48
C THR A 75 1.18 14.17 1.45
N ALA A 76 1.61 14.60 0.26
CA ALA A 76 2.72 15.50 0.16
C ALA A 76 2.37 16.81 0.81
N THR A 77 1.14 17.30 0.58
CA THR A 77 0.72 18.57 1.16
C THR A 77 0.39 18.38 2.61
N ASP A 78 -0.26 17.25 2.97
CA ASP A 78 -0.61 17.02 4.35
C ASP A 78 -0.69 15.54 4.55
N ALA A 79 0.26 14.98 5.33
CA ALA A 79 0.28 13.56 5.59
C ALA A 79 -0.89 13.19 6.47
N PHE A 80 -1.45 14.18 7.20
CA PHE A 80 -2.55 13.91 8.10
C PHE A 80 -3.84 14.21 7.37
N PHE A 81 -3.81 14.23 6.02
CA PHE A 81 -4.99 14.50 5.23
C PHE A 81 -5.97 13.39 5.48
N GLU A 82 -5.49 12.14 5.40
CA GLU A 82 -6.33 11.00 5.60
C GLU A 82 -6.62 10.89 7.07
N GLN A 83 -7.89 10.54 7.42
CA GLN A 83 -8.28 10.44 8.80
C GLN A 83 -7.77 9.13 9.34
N LEU A 84 -7.15 8.33 8.46
CA LEU A 84 -6.63 7.06 8.88
C LEU A 84 -5.37 7.30 9.65
N ALA A 85 -4.59 8.33 9.24
CA ALA A 85 -3.35 8.63 9.91
C ALA A 85 -3.66 9.05 11.32
N TRP A 86 -4.87 9.61 11.54
CA TRP A 86 -5.28 10.06 12.84
C TRP A 86 -5.41 8.86 13.75
N MET A 87 -5.96 7.73 13.24
CA MET A 87 -6.15 6.57 14.07
C MET A 87 -4.93 5.70 14.01
N TRP A 88 -4.36 5.49 12.81
CA TRP A 88 -3.21 4.64 12.68
C TRP A 88 -2.43 5.14 11.48
N PRO A 89 -1.23 5.61 11.72
CA PRO A 89 -0.38 6.14 10.66
C PRO A 89 0.33 5.08 9.87
N ASN A 90 0.18 3.81 10.28
CA ASN A 90 0.86 2.74 9.60
C ASN A 90 -0.16 1.94 8.84
N TRP A 91 -1.34 2.54 8.53
CA TRP A 91 -2.37 1.81 7.84
C TRP A 91 -1.88 1.35 6.48
N ALA A 92 -0.98 2.13 5.82
CA ALA A 92 -0.52 1.72 4.51
C ALA A 92 0.96 1.94 4.40
N LYS A 93 1.77 1.27 5.26
CA LYS A 93 3.21 1.42 5.14
C LYS A 93 3.70 0.46 4.09
N LEU A 94 2.99 -0.67 3.92
CA LEU A 94 3.37 -1.68 2.97
C LEU A 94 3.25 -1.10 1.57
N PHE A 95 2.21 -0.27 1.33
CA PHE A 95 2.01 0.29 0.02
C PHE A 95 2.68 1.63 -0.09
N PHE A 96 3.48 2.03 0.93
CA PHE A 96 4.12 3.32 0.86
C PHE A 96 5.52 3.10 0.35
N ASN A 97 6.45 2.67 1.23
CA ASN A 97 7.79 2.45 0.80
C ASN A 97 8.40 1.49 1.79
N ASN A 98 9.63 1.02 1.50
CA ASN A 98 10.27 0.09 2.39
C ASN A 98 11.59 -0.25 1.83
N LYS A 99 11.58 -0.73 0.60
CA LYS A 99 12.78 -1.14 -0.01
C LYS A 99 12.46 -1.29 -1.46
N GLY A 100 13.23 -2.18 -2.09
CA GLY A 100 13.09 -2.52 -3.49
C GLY A 100 11.68 -3.01 -3.75
N VAL A 101 10.90 -3.21 -2.65
CA VAL A 101 9.54 -3.71 -2.73
C VAL A 101 8.77 -2.94 -3.77
N ALA A 102 8.98 -1.61 -3.87
CA ALA A 102 8.23 -0.82 -4.83
C ALA A 102 8.48 -1.32 -6.23
N ALA A 103 9.76 -1.55 -6.58
CA ALA A 103 10.08 -1.99 -7.92
C ALA A 103 9.69 -3.43 -8.10
N ASN A 104 9.99 -4.28 -7.07
CA ASN A 104 9.71 -5.69 -7.18
C ASN A 104 8.23 -5.96 -7.27
N THR A 105 7.39 -5.26 -6.47
CA THR A 105 5.96 -5.52 -6.51
C THR A 105 5.38 -5.03 -7.79
N THR A 106 5.88 -3.90 -8.31
CA THR A 106 5.35 -3.35 -9.53
C THR A 106 5.62 -4.32 -10.67
N ASP A 107 6.83 -4.92 -10.67
CA ASP A 107 7.20 -5.81 -11.74
C ASP A 107 6.60 -7.19 -11.58
N VAL A 108 5.88 -7.50 -10.45
CA VAL A 108 5.38 -8.87 -10.33
C VAL A 108 3.93 -8.87 -9.95
N CYS A 109 3.36 -7.72 -9.54
CA CYS A 109 1.95 -7.69 -9.17
C CYS A 109 1.15 -7.89 -10.41
N GLU A 110 1.79 -7.72 -11.58
CA GLU A 110 1.13 -7.86 -12.83
C GLU A 110 1.00 -9.32 -13.17
N GLN A 111 1.66 -10.23 -12.41
CA GLN A 111 1.57 -11.63 -12.71
C GLN A 111 0.70 -12.32 -11.71
N TYR A 112 0.64 -11.82 -10.45
CA TYR A 112 -0.19 -12.47 -9.45
C TYR A 112 -1.64 -12.15 -9.74
N PRO A 113 -2.51 -13.06 -9.34
CA PRO A 113 -3.94 -12.91 -9.54
C PRO A 113 -4.61 -12.02 -8.52
N PRO A 114 -5.69 -11.37 -8.89
CA PRO A 114 -6.44 -10.49 -8.01
C PRO A 114 -7.39 -11.21 -7.08
N ASP A 115 -7.51 -12.54 -7.26
CA ASP A 115 -8.43 -13.30 -6.47
C ASP A 115 -7.69 -13.95 -5.35
N ASP A 116 -6.46 -13.49 -5.07
CA ASP A 116 -5.69 -14.07 -4.00
C ASP A 116 -6.18 -13.41 -2.73
N MET A 117 -7.28 -13.94 -2.16
CA MET A 117 -7.85 -13.40 -0.95
C MET A 117 -7.12 -14.00 0.23
N SER A 118 -6.14 -14.89 -0.04
CA SER A 118 -5.40 -15.51 1.03
C SER A 118 -4.44 -14.50 1.59
N VAL A 119 -4.31 -13.33 0.92
CA VAL A 119 -3.41 -12.30 1.40
C VAL A 119 -4.02 -11.65 2.60
N TRP A 120 -5.34 -11.89 2.84
CA TRP A 120 -6.01 -11.30 3.96
C TRP A 120 -5.55 -11.96 5.24
N ASN A 121 -5.14 -13.25 5.16
CA ASN A 121 -4.69 -13.94 6.33
C ASN A 121 -3.38 -14.61 6.03
N TRP A 122 -2.30 -14.13 6.68
CA TRP A 122 -1.00 -14.69 6.47
C TRP A 122 -1.01 -16.12 7.05
N ALA A 1 16.23 20.85 -4.38
CA ALA A 1 17.40 20.33 -5.15
C ALA A 1 17.51 18.84 -5.00
N ASP A 2 17.38 18.34 -3.75
CA ASP A 2 17.49 16.93 -3.51
C ASP A 2 16.10 16.39 -3.41
N ALA A 3 15.83 15.27 -4.11
CA ALA A 3 14.53 14.69 -4.08
C ALA A 3 14.70 13.22 -4.34
N THR A 4 13.74 12.40 -3.86
CA THR A 4 13.83 10.97 -4.06
C THR A 4 12.50 10.53 -4.59
N ASP A 5 12.47 9.32 -5.18
CA ASP A 5 11.23 8.80 -5.72
C ASP A 5 10.64 7.86 -4.71
N ASP A 6 11.22 7.84 -3.49
CA ASP A 6 10.75 6.95 -2.46
C ASP A 6 9.62 7.65 -1.74
N TYR A 7 9.67 8.99 -1.69
CA TYR A 7 8.64 9.75 -1.02
C TYR A 7 8.16 10.87 -1.95
N PRO A 8 6.82 11.07 -2.14
CA PRO A 8 5.75 10.32 -1.49
C PRO A 8 5.59 8.92 -2.04
N ILE A 9 4.33 8.45 -2.21
CA ILE A 9 4.07 7.10 -2.68
C ILE A 9 4.93 6.88 -3.91
N PRO A 10 5.66 5.78 -3.92
CA PRO A 10 6.57 5.47 -5.01
C PRO A 10 5.92 5.44 -6.36
N ASN A 11 6.64 5.98 -7.35
CA ASN A 11 6.15 6.06 -8.70
C ASN A 11 5.95 4.66 -9.24
N ARG A 12 6.73 3.69 -8.74
CA ARG A 12 6.61 2.33 -9.25
C ARG A 12 5.23 1.78 -8.96
N ILE A 13 4.67 2.05 -7.75
CA ILE A 13 3.36 1.53 -7.43
C ILE A 13 2.33 2.55 -7.88
N MET A 14 2.72 3.83 -7.94
CA MET A 14 1.79 4.86 -8.33
C MET A 14 1.31 4.60 -9.75
N ARG A 15 2.22 4.19 -10.66
CA ARG A 15 1.82 3.99 -12.03
C ARG A 15 1.80 2.51 -12.37
N THR A 16 1.33 1.64 -11.44
CA THR A 16 1.26 0.23 -11.75
C THR A 16 -0.17 -0.17 -11.52
N PRO A 17 -0.78 -0.77 -12.51
CA PRO A 17 -2.13 -1.21 -12.34
C PRO A 17 -2.17 -2.58 -11.76
N CYS A 18 -2.26 -2.66 -10.43
CA CYS A 18 -2.32 -3.94 -9.76
C CYS A 18 -3.28 -3.79 -8.63
N THR A 19 -4.00 -4.88 -8.30
CA THR A 19 -4.94 -4.82 -7.21
C THR A 19 -4.18 -4.96 -5.93
N ALA A 20 -4.89 -4.71 -4.80
CA ALA A 20 -4.28 -4.81 -3.49
C ALA A 20 -3.89 -6.23 -3.27
N GLU A 21 -4.79 -7.15 -3.66
CA GLU A 21 -4.53 -8.56 -3.49
C GLU A 21 -3.32 -8.93 -4.28
N GLN A 22 -3.17 -8.33 -5.47
CA GLN A 22 -2.06 -8.62 -6.34
C GLN A 22 -0.77 -8.15 -5.72
N ILE A 23 -0.70 -6.89 -5.27
CA ILE A 23 0.53 -6.37 -4.70
C ILE A 23 0.80 -7.03 -3.38
N MET A 24 -0.25 -7.24 -2.57
CA MET A 24 -0.06 -7.85 -1.27
C MET A 24 0.48 -9.25 -1.43
N ALA A 25 -0.06 -10.01 -2.42
CA ALA A 25 0.41 -11.38 -2.63
C ALA A 25 1.84 -11.35 -3.09
N ALA A 26 2.17 -10.43 -4.02
CA ALA A 26 3.52 -10.36 -4.55
C ALA A 26 4.46 -9.97 -3.44
N ALA A 27 4.03 -9.01 -2.60
CA ALA A 27 4.85 -8.53 -1.51
C ALA A 27 5.12 -9.65 -0.54
N ARG A 28 4.12 -10.51 -0.29
CA ARG A 28 4.31 -11.60 0.65
C ARG A 28 5.43 -12.50 0.19
N ASP A 29 5.43 -12.88 -1.10
CA ASP A 29 6.46 -13.76 -1.60
C ASP A 29 7.79 -13.04 -1.69
N VAL A 30 7.79 -11.81 -2.25
CA VAL A 30 9.02 -11.09 -2.44
C VAL A 30 9.64 -10.70 -1.11
N GLU A 31 8.85 -10.12 -0.19
CA GLU A 31 9.41 -9.70 1.09
C GLU A 31 8.52 -10.21 2.19
N PRO A 32 8.70 -11.45 2.58
CA PRO A 32 7.90 -12.04 3.62
C PRO A 32 8.21 -11.49 4.98
N VAL A 33 9.46 -11.06 5.16
CA VAL A 33 9.89 -10.53 6.44
C VAL A 33 9.14 -9.25 6.70
N TYR A 34 9.09 -8.33 5.71
CA TYR A 34 8.40 -7.08 5.88
C TYR A 34 6.92 -7.31 5.89
N TYR A 35 6.45 -8.30 5.09
CA TYR A 35 5.03 -8.58 5.01
C TYR A 35 4.53 -9.04 6.35
N GLU A 36 5.31 -9.91 7.02
CA GLU A 36 4.90 -10.43 8.32
C GLU A 36 4.78 -9.30 9.31
N ARG A 37 5.70 -8.31 9.25
CA ARG A 37 5.63 -7.20 10.18
C ARG A 37 4.35 -6.45 9.93
N TYR A 38 4.01 -6.23 8.64
CA TYR A 38 2.80 -5.52 8.30
C TYR A 38 1.61 -6.31 8.80
N MET A 39 1.58 -7.64 8.52
CA MET A 39 0.46 -8.47 8.94
C MET A 39 0.33 -8.47 10.43
N THR A 40 1.46 -8.51 11.17
CA THR A 40 1.40 -8.54 12.61
C THR A 40 0.72 -7.30 13.11
N ASP A 41 1.13 -6.12 12.58
CA ASP A 41 0.53 -4.88 13.02
C ASP A 41 -0.87 -4.76 12.46
N TYR A 42 -1.08 -5.33 11.24
CA TYR A 42 -2.37 -5.27 10.59
C TYR A 42 -3.40 -5.95 11.46
N LYS A 43 -3.10 -7.16 11.96
CA LYS A 43 -4.06 -7.87 12.79
C LYS A 43 -4.14 -7.20 14.15
N ASN A 44 -3.08 -6.43 14.51
CA ASN A 44 -3.05 -5.77 15.80
C ASN A 44 -4.07 -4.65 15.84
N LYS A 45 -4.30 -3.95 14.70
CA LYS A 45 -5.21 -2.84 14.71
C LYS A 45 -6.61 -3.40 14.59
N PRO A 46 -7.57 -2.63 15.07
CA PRO A 46 -8.98 -3.05 15.03
C PRO A 46 -9.46 -3.32 13.64
N PRO A 47 -10.43 -4.21 13.48
CA PRO A 47 -10.98 -4.53 12.16
C PRO A 47 -11.46 -3.33 11.41
N HIS A 48 -11.89 -2.29 12.15
CA HIS A 48 -12.37 -1.08 11.53
C HIS A 48 -11.24 -0.42 10.79
N VAL A 49 -10.00 -0.46 11.35
CA VAL A 49 -8.89 0.19 10.70
C VAL A 49 -8.38 -0.74 9.65
N GLN A 50 -8.45 -2.07 9.91
CA GLN A 50 -7.99 -3.05 8.95
C GLN A 50 -8.83 -2.91 7.71
N GLN A 51 -10.16 -2.77 7.89
CA GLN A 51 -11.06 -2.61 6.78
C GLN A 51 -10.82 -1.26 6.15
N ALA A 52 -10.57 -0.24 7.00
CA ALA A 52 -10.34 1.10 6.51
C ALA A 52 -9.13 1.13 5.62
N ALA A 53 -8.04 0.44 6.02
CA ALA A 53 -6.82 0.43 5.24
C ALA A 53 -7.09 -0.25 3.94
N ARG A 54 -7.85 -1.37 4.00
CA ARG A 54 -8.17 -2.12 2.81
C ARG A 54 -9.02 -1.27 1.90
N ASP A 55 -10.00 -0.56 2.49
CA ASP A 55 -10.91 0.26 1.72
C ASP A 55 -10.14 1.34 1.00
N ARG A 56 -9.14 1.97 1.66
CA ARG A 56 -8.39 3.03 1.02
C ARG A 56 -7.61 2.47 -0.15
N ILE A 57 -7.03 1.26 -0.02
CA ILE A 57 -6.26 0.69 -1.11
C ILE A 57 -7.22 0.39 -2.23
N HIS A 58 -8.44 -0.07 -1.86
CA HIS A 58 -9.43 -0.41 -2.83
C HIS A 58 -9.76 0.83 -3.63
N TRP A 59 -9.88 1.98 -2.94
CA TRP A 59 -10.17 3.23 -3.63
C TRP A 59 -8.98 3.61 -4.49
N PHE A 60 -7.75 3.33 -4.00
CA PHE A 60 -6.56 3.68 -4.75
C PHE A 60 -6.61 2.95 -6.07
N PHE A 61 -6.83 1.62 -6.03
CA PHE A 61 -6.88 0.83 -7.24
C PHE A 61 -8.06 1.27 -8.10
N SER A 62 -9.26 1.41 -7.49
CA SER A 62 -10.45 1.75 -8.26
C SER A 62 -10.29 3.09 -8.94
N MET A 63 -9.79 4.12 -8.23
CA MET A 63 -9.64 5.43 -8.84
C MET A 63 -8.47 5.35 -9.78
N ASP A 64 -7.45 4.56 -9.37
CA ASP A 64 -6.29 4.30 -10.15
C ASP A 64 -5.33 5.45 -9.97
N TYR A 65 -4.69 5.86 -11.07
CA TYR A 65 -3.71 6.92 -11.03
C TYR A 65 -4.39 8.19 -10.58
N ALA A 66 -5.66 8.38 -10.96
CA ALA A 66 -6.36 9.60 -10.61
C ALA A 66 -6.45 9.74 -9.12
N GLY A 67 -6.82 8.67 -8.40
CA GLY A 67 -6.96 8.75 -6.97
C GLY A 67 -5.61 8.88 -6.34
N ARG A 68 -4.63 8.11 -6.88
CA ARG A 68 -3.30 8.12 -6.33
C ARG A 68 -2.70 9.49 -6.47
N ARG A 69 -2.97 10.19 -7.59
CA ARG A 69 -2.42 11.53 -7.77
C ARG A 69 -2.93 12.42 -6.67
N GLN A 70 -4.25 12.37 -6.41
CA GLN A 70 -4.83 13.23 -5.39
C GLN A 70 -4.37 12.83 -4.03
N TYR A 71 -4.27 11.51 -3.74
CA TYR A 71 -3.84 11.08 -2.44
C TYR A 71 -2.39 11.47 -2.24
N SER A 72 -1.58 11.34 -3.30
CA SER A 72 -0.17 11.70 -3.20
C SER A 72 -0.06 13.17 -2.97
N GLU A 73 -0.87 13.96 -3.70
CA GLU A 73 -0.82 15.40 -3.57
C GLU A 73 -1.36 15.80 -2.23
N ASN A 74 -2.47 15.19 -1.79
CA ASN A 74 -3.06 15.53 -0.51
C ASN A 74 -2.10 15.20 0.61
N THR A 75 -1.43 14.03 0.54
CA THR A 75 -0.52 13.65 1.61
C THR A 75 0.70 14.53 1.56
N ALA A 76 1.16 14.90 0.34
CA ALA A 76 2.31 15.76 0.21
C ALA A 76 2.00 17.11 0.80
N THR A 77 0.76 17.59 0.59
CA THR A 77 0.37 18.89 1.11
C THR A 77 0.21 18.80 2.60
N ASP A 78 -0.46 17.75 3.11
CA ASP A 78 -0.65 17.64 4.52
C ASP A 78 -0.90 16.19 4.84
N ALA A 79 0.05 15.55 5.57
CA ALA A 79 -0.09 14.16 5.94
C ALA A 79 -1.28 14.01 6.85
N PHE A 80 -1.51 15.01 7.72
CA PHE A 80 -2.60 14.96 8.67
C PHE A 80 -3.92 14.98 7.95
N PHE A 81 -3.92 15.24 6.62
CA PHE A 81 -5.15 15.28 5.86
C PHE A 81 -5.76 13.90 5.91
N GLU A 82 -4.90 12.87 5.84
CA GLU A 82 -5.38 11.51 5.86
C GLU A 82 -5.77 11.21 7.28
N GLN A 83 -6.99 10.69 7.46
CA GLN A 83 -7.50 10.39 8.78
C GLN A 83 -6.74 9.23 9.37
N LEU A 84 -6.36 8.24 8.53
CA LEU A 84 -5.67 7.09 9.07
C LEU A 84 -4.22 7.39 9.26
N ALA A 85 -3.72 8.50 8.68
CA ALA A 85 -2.32 8.82 8.85
C ALA A 85 -2.05 9.05 10.30
N TRP A 86 -2.98 9.74 11.00
CA TRP A 86 -2.78 10.03 12.38
C TRP A 86 -3.34 8.91 13.23
N MET A 87 -4.39 8.19 12.73
CA MET A 87 -4.95 7.09 13.50
C MET A 87 -3.96 5.96 13.56
N TRP A 88 -3.28 5.67 12.43
CA TRP A 88 -2.33 4.58 12.41
C TRP A 88 -1.40 4.83 11.24
N PRO A 89 -0.16 5.13 11.54
CA PRO A 89 0.82 5.43 10.49
C PRO A 89 1.29 4.22 9.73
N ASN A 90 0.89 3.02 10.18
CA ASN A 90 1.32 1.81 9.52
C ASN A 90 0.14 1.20 8.83
N TRP A 91 -0.92 2.01 8.53
CA TRP A 91 -2.09 1.46 7.87
C TRP A 91 -1.67 0.89 6.54
N ALA A 92 -0.67 1.51 5.88
CA ALA A 92 -0.19 1.00 4.63
C ALA A 92 1.31 1.06 4.69
N LYS A 93 1.91 0.35 5.67
CA LYS A 93 3.36 0.35 5.83
C LYS A 93 3.97 -0.32 4.64
N LEU A 94 3.33 -1.42 4.18
CA LEU A 94 3.87 -2.18 3.09
C LEU A 94 3.86 -1.34 1.82
N PHE A 95 2.76 -0.63 1.53
CA PHE A 95 2.68 0.16 0.32
C PHE A 95 3.52 1.41 0.46
N PHE A 96 3.50 2.06 1.64
CA PHE A 96 4.28 3.26 1.83
C PHE A 96 5.60 2.87 2.41
N ASN A 97 6.61 2.68 1.53
CA ASN A 97 7.90 2.29 1.99
C ASN A 97 8.88 2.84 1.01
N ASN A 98 10.12 2.31 1.02
CA ASN A 98 11.14 2.77 0.12
C ASN A 98 10.86 2.10 -1.21
N LYS A 99 11.54 2.55 -2.29
CA LYS A 99 11.28 1.95 -3.58
C LYS A 99 12.06 0.67 -3.68
N GLY A 100 11.95 -0.17 -2.63
CA GLY A 100 12.57 -1.46 -2.62
C GLY A 100 11.50 -2.41 -3.02
N VAL A 101 10.50 -2.49 -2.11
CA VAL A 101 9.35 -3.34 -2.28
C VAL A 101 8.56 -2.88 -3.46
N ALA A 102 8.42 -1.55 -3.64
CA ALA A 102 7.62 -1.00 -4.72
C ALA A 102 8.17 -1.45 -6.05
N ALA A 103 9.51 -1.40 -6.24
CA ALA A 103 10.08 -1.77 -7.51
C ALA A 103 9.94 -3.25 -7.72
N ASN A 104 10.22 -4.03 -6.67
CA ASN A 104 10.17 -5.47 -6.78
C ASN A 104 8.76 -5.98 -6.94
N THR A 105 7.78 -5.39 -6.22
CA THR A 105 6.42 -5.88 -6.29
C THR A 105 5.78 -5.48 -7.60
N THR A 106 6.22 -4.38 -8.22
CA THR A 106 5.63 -3.95 -9.47
C THR A 106 5.89 -4.99 -10.53
N ASP A 107 7.11 -5.56 -10.52
CA ASP A 107 7.48 -6.53 -11.52
C ASP A 107 6.77 -7.86 -11.32
N VAL A 108 6.02 -8.06 -10.21
CA VAL A 108 5.40 -9.37 -10.02
C VAL A 108 3.95 -9.23 -9.67
N CYS A 109 3.47 -8.01 -9.33
CA CYS A 109 2.08 -7.84 -8.99
C CYS A 109 1.27 -8.02 -10.24
N GLU A 110 1.95 -7.95 -11.39
CA GLU A 110 1.29 -8.11 -12.65
C GLU A 110 1.14 -9.57 -12.99
N GLN A 111 1.73 -10.48 -12.18
CA GLN A 111 1.65 -11.88 -12.50
C GLN A 111 0.74 -12.60 -11.52
N TYR A 112 0.67 -12.13 -10.26
CA TYR A 112 -0.17 -12.79 -9.28
C TYR A 112 -1.62 -12.46 -9.57
N PRO A 113 -2.50 -13.34 -9.16
CA PRO A 113 -3.92 -13.15 -9.35
C PRO A 113 -4.53 -12.16 -8.38
N PRO A 114 -5.57 -11.46 -8.80
CA PRO A 114 -6.24 -10.48 -7.97
C PRO A 114 -7.27 -11.07 -7.03
N ASP A 115 -7.51 -12.39 -7.16
CA ASP A 115 -8.52 -13.04 -6.36
C ASP A 115 -7.86 -13.67 -5.16
N ASP A 116 -6.59 -13.33 -4.90
CA ASP A 116 -5.90 -13.89 -3.77
C ASP A 116 -6.30 -13.09 -2.56
N MET A 117 -7.48 -13.39 -1.99
CA MET A 117 -7.96 -12.65 -0.84
C MET A 117 -7.36 -13.27 0.40
N SER A 118 -6.55 -14.33 0.23
CA SER A 118 -5.93 -14.98 1.37
C SER A 118 -4.83 -14.09 1.87
N VAL A 119 -4.52 -13.01 1.12
CA VAL A 119 -3.47 -12.10 1.53
C VAL A 119 -3.95 -11.33 2.74
N TRP A 120 -5.28 -11.21 2.91
CA TRP A 120 -5.81 -10.46 4.02
C TRP A 120 -5.95 -11.35 5.21
N ASN A 121 -6.14 -12.68 5.00
CA ASN A 121 -6.30 -13.58 6.11
C ASN A 121 -5.01 -14.31 6.32
N TRP A 122 -4.16 -13.81 7.24
CA TRP A 122 -2.91 -14.46 7.51
C TRP A 122 -3.10 -15.35 8.74
N ALA A 1 10.30 23.43 2.20
CA ALA A 1 9.75 22.07 2.44
C ALA A 1 10.41 21.06 1.55
N ASP A 2 10.57 21.42 0.25
CA ASP A 2 11.19 20.52 -0.72
C ASP A 2 10.38 19.25 -0.79
N ALA A 3 9.04 19.39 -0.76
CA ALA A 3 8.18 18.23 -0.83
C ALA A 3 8.20 17.74 -2.25
N THR A 4 8.15 16.39 -2.42
CA THR A 4 8.16 15.82 -3.73
C THR A 4 7.00 14.86 -3.80
N ASP A 5 6.59 14.48 -5.03
CA ASP A 5 5.48 13.57 -5.19
C ASP A 5 5.99 12.15 -5.12
N ASP A 6 7.33 11.98 -5.05
CA ASP A 6 7.90 10.65 -4.99
C ASP A 6 8.29 10.34 -3.56
N TYR A 7 7.78 11.14 -2.59
CA TYR A 7 8.15 10.88 -1.22
C TYR A 7 7.04 11.34 -0.23
N PRO A 8 6.55 10.44 0.67
CA PRO A 8 6.97 9.06 0.73
C PRO A 8 6.00 8.16 0.01
N ILE A 9 5.94 8.33 -1.32
CA ILE A 9 5.08 7.51 -2.13
C ILE A 9 5.89 7.21 -3.35
N PRO A 10 6.26 5.97 -3.56
CA PRO A 10 7.06 5.60 -4.71
C PRO A 10 6.39 5.92 -6.01
N ASN A 11 7.17 6.51 -6.95
CA ASN A 11 6.63 6.87 -8.25
C ASN A 11 6.22 5.61 -8.96
N ARG A 12 7.01 4.53 -8.80
CA ARG A 12 6.72 3.27 -9.45
C ARG A 12 5.39 2.75 -8.95
N ILE A 13 5.14 2.87 -7.63
CA ILE A 13 3.88 2.40 -7.05
C ILE A 13 2.76 3.23 -7.59
N MET A 14 2.99 4.56 -7.75
CA MET A 14 1.94 5.43 -8.24
C MET A 14 1.51 5.02 -9.62
N ARG A 15 2.45 4.60 -10.48
CA ARG A 15 2.09 4.25 -11.83
C ARG A 15 2.10 2.74 -12.00
N THR A 16 1.62 1.97 -11.00
CA THR A 16 1.57 0.53 -11.15
C THR A 16 0.12 0.14 -11.03
N PRO A 17 -0.42 -0.44 -12.06
CA PRO A 17 -1.79 -0.87 -12.00
C PRO A 17 -1.89 -2.27 -11.46
N CYS A 18 -2.05 -2.37 -10.13
CA CYS A 18 -2.17 -3.67 -9.50
C CYS A 18 -3.18 -3.54 -8.42
N THR A 19 -3.94 -4.63 -8.15
CA THR A 19 -4.92 -4.59 -7.10
C THR A 19 -4.22 -4.88 -5.80
N ALA A 20 -4.95 -4.70 -4.70
CA ALA A 20 -4.40 -4.92 -3.38
C ALA A 20 -4.10 -6.37 -3.23
N GLU A 21 -5.01 -7.23 -3.73
CA GLU A 21 -4.81 -8.65 -3.62
C GLU A 21 -3.56 -9.01 -4.38
N GLN A 22 -3.37 -8.35 -5.54
CA GLN A 22 -2.22 -8.61 -6.37
C GLN A 22 -0.95 -8.21 -5.65
N ILE A 23 -0.93 -7.02 -5.03
CA ILE A 23 0.26 -6.56 -4.35
C ILE A 23 0.47 -7.35 -3.09
N MET A 24 -0.62 -7.63 -2.34
CA MET A 24 -0.50 -8.35 -1.10
C MET A 24 0.04 -9.73 -1.37
N ALA A 25 -0.44 -10.40 -2.45
CA ALA A 25 0.03 -11.74 -2.77
C ALA A 25 1.48 -11.69 -3.14
N ALA A 26 1.88 -10.68 -3.94
CA ALA A 26 3.24 -10.56 -4.36
C ALA A 26 4.11 -10.27 -3.17
N ALA A 27 3.64 -9.37 -2.30
CA ALA A 27 4.40 -8.94 -1.15
C ALA A 27 4.67 -10.09 -0.21
N ARG A 28 3.67 -10.96 0.05
CA ARG A 28 3.86 -12.05 0.99
C ARG A 28 4.81 -13.08 0.43
N ASP A 29 4.93 -13.17 -0.90
CA ASP A 29 5.82 -14.17 -1.47
C ASP A 29 7.20 -13.58 -1.64
N VAL A 30 7.27 -12.38 -2.23
CA VAL A 30 8.55 -11.76 -2.49
C VAL A 30 9.25 -11.42 -1.20
N GLU A 31 8.54 -10.78 -0.23
CA GLU A 31 9.18 -10.43 1.02
C GLU A 31 8.29 -10.84 2.15
N PRO A 32 8.35 -12.09 2.53
CA PRO A 32 7.53 -12.61 3.61
C PRO A 32 7.95 -12.09 4.95
N VAL A 33 9.25 -11.77 5.08
CA VAL A 33 9.77 -11.28 6.34
C VAL A 33 9.15 -9.94 6.63
N TYR A 34 9.15 -9.02 5.64
CA TYR A 34 8.59 -7.70 5.85
C TYR A 34 7.09 -7.80 5.87
N TYR A 35 6.53 -8.76 5.11
CA TYR A 35 5.09 -8.93 5.06
C TYR A 35 4.59 -9.26 6.44
N GLU A 36 5.27 -10.20 7.13
CA GLU A 36 4.87 -10.60 8.45
C GLU A 36 4.94 -9.42 9.39
N ARG A 37 5.96 -8.54 9.23
CA ARG A 37 6.07 -7.40 10.11
C ARG A 37 4.85 -6.51 9.90
N TYR A 38 4.45 -6.32 8.62
CA TYR A 38 3.29 -5.52 8.31
C TYR A 38 2.08 -6.17 8.92
N MET A 39 1.96 -7.50 8.72
CA MET A 39 0.81 -8.24 9.21
C MET A 39 0.75 -8.15 10.71
N THR A 40 1.91 -8.18 11.39
CA THR A 40 1.92 -8.11 12.84
C THR A 40 1.34 -6.79 13.25
N ASP A 41 1.74 -5.70 12.58
CA ASP A 41 1.23 -4.39 12.92
C ASP A 41 -0.22 -4.31 12.49
N TYR A 42 -0.55 -4.96 11.34
CA TYR A 42 -1.89 -4.94 10.81
C TYR A 42 -2.84 -5.57 11.80
N LYS A 43 -2.49 -6.74 12.38
CA LYS A 43 -3.38 -7.38 13.33
C LYS A 43 -3.37 -6.62 14.64
N ASN A 44 -2.35 -5.74 14.84
CA ASN A 44 -2.26 -4.98 16.06
C ASN A 44 -3.37 -3.96 16.12
N LYS A 45 -3.75 -3.35 14.97
CA LYS A 45 -4.78 -2.36 14.98
C LYS A 45 -6.09 -3.08 14.99
N PRO A 46 -7.11 -2.43 15.48
CA PRO A 46 -8.44 -3.02 15.55
C PRO A 46 -9.03 -3.25 14.20
N PRO A 47 -10.02 -4.10 14.09
CA PRO A 47 -10.66 -4.42 12.81
C PRO A 47 -11.26 -3.23 12.15
N HIS A 48 -11.58 -2.19 12.94
CA HIS A 48 -12.17 -0.99 12.40
C HIS A 48 -11.13 -0.31 11.53
N VAL A 49 -9.85 -0.33 11.95
CA VAL A 49 -8.82 0.34 11.19
C VAL A 49 -8.35 -0.62 10.12
N GLN A 50 -8.31 -1.93 10.44
CA GLN A 50 -7.87 -2.91 9.46
C GLN A 50 -8.80 -2.86 8.29
N GLN A 51 -10.13 -2.83 8.56
CA GLN A 51 -11.10 -2.78 7.50
C GLN A 51 -11.03 -1.44 6.84
N ALA A 52 -10.84 -0.36 7.63
CA ALA A 52 -10.79 0.97 7.09
C ALA A 52 -9.62 1.10 6.14
N ALA A 53 -8.46 0.52 6.51
CA ALA A 53 -7.27 0.61 5.70
C ALA A 53 -7.51 -0.12 4.42
N ARG A 54 -8.16 -1.31 4.52
CA ARG A 54 -8.43 -2.11 3.36
C ARG A 54 -9.41 -1.39 2.47
N ASP A 55 -10.45 -0.76 3.06
CA ASP A 55 -11.43 -0.07 2.26
C ASP A 55 -10.77 1.07 1.53
N ARG A 56 -9.90 1.83 2.23
CA ARG A 56 -9.24 2.97 1.62
C ARG A 56 -8.31 2.51 0.52
N ILE A 57 -7.57 1.39 0.72
CA ILE A 57 -6.61 0.98 -0.29
C ILE A 57 -7.35 0.44 -1.47
N HIS A 58 -8.54 -0.15 -1.23
CA HIS A 58 -9.32 -0.71 -2.31
C HIS A 58 -9.82 0.42 -3.17
N TRP A 59 -10.31 1.49 -2.50
CA TRP A 59 -10.82 2.64 -3.21
C TRP A 59 -9.72 3.29 -3.99
N PHE A 60 -8.52 3.44 -3.37
CA PHE A 60 -7.42 4.10 -4.05
C PHE A 60 -7.00 3.27 -5.25
N PHE A 61 -6.94 1.93 -5.13
CA PHE A 61 -6.53 1.11 -6.26
C PHE A 61 -7.59 1.18 -7.33
N SER A 62 -8.88 1.36 -6.95
CA SER A 62 -9.94 1.44 -7.92
C SER A 62 -9.69 2.64 -8.81
N MET A 63 -9.31 3.79 -8.20
CA MET A 63 -9.05 4.98 -8.98
C MET A 63 -7.74 4.77 -9.69
N ASP A 64 -6.79 4.09 -9.01
CA ASP A 64 -5.51 3.77 -9.57
C ASP A 64 -4.65 5.00 -9.68
N TYR A 65 -4.34 5.41 -10.93
CA TYR A 65 -3.49 6.56 -11.14
C TYR A 65 -4.14 7.77 -10.53
N ALA A 66 -5.46 7.94 -10.74
CA ALA A 66 -6.14 9.09 -10.20
C ALA A 66 -6.06 9.09 -8.70
N GLY A 67 -6.23 7.90 -8.06
CA GLY A 67 -6.20 7.82 -6.62
C GLY A 67 -4.82 8.14 -6.14
N ARG A 68 -3.79 7.59 -6.80
CA ARG A 68 -2.42 7.83 -6.40
C ARG A 68 -2.07 9.27 -6.60
N ARG A 69 -2.53 9.90 -7.71
CA ARG A 69 -2.21 11.28 -7.96
C ARG A 69 -2.78 12.13 -6.85
N GLN A 70 -4.07 11.90 -6.49
CA GLN A 70 -4.70 12.68 -5.45
C GLN A 70 -4.06 12.35 -4.13
N TYR A 71 -3.74 11.07 -3.90
CA TYR A 71 -3.15 10.67 -2.64
C TYR A 71 -1.82 11.38 -2.48
N SER A 72 -0.99 11.38 -3.54
CA SER A 72 0.30 12.03 -3.48
C SER A 72 0.11 13.51 -3.26
N GLU A 73 -0.80 14.13 -4.02
CA GLU A 73 -1.02 15.56 -3.91
C GLU A 73 -1.58 15.89 -2.54
N ASN A 74 -2.58 15.12 -2.07
CA ASN A 74 -3.17 15.40 -0.78
C ASN A 74 -2.17 15.21 0.33
N THR A 75 -1.34 14.14 0.26
CA THR A 75 -0.38 13.90 1.33
C THR A 75 0.70 14.94 1.28
N ALA A 76 1.10 15.37 0.07
CA ALA A 76 2.13 16.37 -0.07
C ALA A 76 1.64 17.65 0.54
N THR A 77 0.34 17.97 0.33
CA THR A 77 -0.21 19.20 0.86
C THR A 77 -0.36 19.08 2.34
N ASP A 78 -0.91 17.94 2.83
CA ASP A 78 -1.09 17.78 4.25
C ASP A 78 -1.20 16.30 4.53
N ALA A 79 -0.22 15.76 5.28
CA ALA A 79 -0.24 14.34 5.60
C ALA A 79 -1.34 14.07 6.59
N PHE A 80 -1.81 15.13 7.31
CA PHE A 80 -2.85 14.96 8.29
C PHE A 80 -4.18 15.00 7.59
N PHE A 81 -4.19 15.04 6.24
CA PHE A 81 -5.42 15.08 5.50
C PHE A 81 -6.11 13.74 5.61
N GLU A 82 -5.31 12.64 5.56
CA GLU A 82 -5.88 11.32 5.61
C GLU A 82 -6.41 11.04 6.98
N GLN A 83 -7.69 10.60 6.98
CA GLN A 83 -8.39 10.25 8.19
C GLN A 83 -7.74 9.04 8.80
N LEU A 84 -7.28 8.10 7.95
CA LEU A 84 -6.67 6.89 8.46
C LEU A 84 -5.40 7.23 9.16
N ALA A 85 -4.66 8.26 8.66
CA ALA A 85 -3.43 8.65 9.28
C ALA A 85 -3.71 9.15 10.66
N TRP A 86 -4.98 9.57 10.90
CA TRP A 86 -5.36 10.07 12.20
C TRP A 86 -5.38 8.93 13.18
N MET A 87 -5.85 7.75 12.72
CA MET A 87 -5.96 6.61 13.60
C MET A 87 -4.68 5.83 13.59
N TRP A 88 -4.08 5.61 12.40
CA TRP A 88 -2.88 4.83 12.33
C TRP A 88 -2.16 5.22 11.07
N PRO A 89 -0.95 5.75 11.20
CA PRO A 89 -0.17 6.20 10.06
C PRO A 89 0.56 5.10 9.34
N ASN A 90 0.50 3.86 9.86
CA ASN A 90 1.19 2.76 9.25
C ASN A 90 0.16 1.88 8.59
N TRP A 91 -1.02 2.46 8.28
CA TRP A 91 -2.09 1.71 7.67
C TRP A 91 -1.66 1.14 6.34
N ALA A 92 -0.72 1.82 5.62
CA ALA A 92 -0.30 1.30 4.34
C ALA A 92 1.20 1.38 4.25
N LYS A 93 1.91 0.68 5.17
CA LYS A 93 3.36 0.68 5.11
C LYS A 93 3.79 -0.32 4.08
N LEU A 94 3.04 -1.43 3.95
CA LEU A 94 3.38 -2.46 3.00
C LEU A 94 3.21 -1.94 1.60
N PHE A 95 2.09 -1.20 1.36
CA PHE A 95 1.82 -0.70 0.03
C PHE A 95 2.75 0.43 -0.30
N PHE A 96 3.04 1.33 0.66
CA PHE A 96 3.91 2.44 0.37
C PHE A 96 5.21 2.21 1.08
N ASN A 97 6.25 1.83 0.31
CA ASN A 97 7.53 1.57 0.87
C ASN A 97 8.51 1.95 -0.21
N ASN A 98 9.58 2.69 0.17
CA ASN A 98 10.54 3.16 -0.81
C ASN A 98 11.72 2.25 -0.89
N LYS A 99 11.69 1.13 -0.16
CA LYS A 99 12.79 0.22 -0.24
C LYS A 99 12.66 -0.52 -1.54
N GLY A 100 13.33 -1.68 -1.64
CA GLY A 100 13.30 -2.50 -2.83
C GLY A 100 11.88 -2.94 -3.07
N VAL A 101 11.01 -2.72 -2.05
CA VAL A 101 9.63 -3.10 -2.12
C VAL A 101 9.00 -2.41 -3.30
N ALA A 102 9.27 -1.10 -3.49
CA ALA A 102 8.64 -0.36 -4.56
C ALA A 102 8.97 -0.97 -5.91
N ALA A 103 10.22 -1.43 -6.09
CA ALA A 103 10.62 -1.96 -7.38
C ALA A 103 10.18 -3.39 -7.53
N ASN A 104 10.50 -4.24 -6.53
CA ASN A 104 10.17 -5.65 -6.62
C ASN A 104 8.69 -5.84 -6.65
N THR A 105 7.94 -5.08 -5.83
CA THR A 105 6.50 -5.23 -5.76
C THR A 105 5.88 -4.89 -7.08
N THR A 106 6.32 -3.79 -7.72
CA THR A 106 5.76 -3.38 -8.99
C THR A 106 6.06 -4.43 -10.03
N ASP A 107 7.28 -4.99 -9.99
CA ASP A 107 7.69 -5.95 -10.98
C ASP A 107 7.03 -7.31 -10.78
N VAL A 108 6.25 -7.55 -9.68
CA VAL A 108 5.69 -8.89 -9.52
C VAL A 108 4.22 -8.82 -9.22
N CYS A 109 3.68 -7.63 -8.87
CA CYS A 109 2.26 -7.55 -8.59
C CYS A 109 1.50 -7.74 -9.87
N GLU A 110 2.20 -7.58 -11.01
CA GLU A 110 1.59 -7.71 -12.29
C GLU A 110 1.50 -9.16 -12.68
N GLN A 111 2.10 -10.07 -11.88
CA GLN A 111 2.07 -11.47 -12.24
C GLN A 111 1.01 -12.19 -11.44
N TYR A 112 0.72 -11.74 -10.21
CA TYR A 112 -0.26 -12.41 -9.40
C TYR A 112 -1.63 -11.94 -9.79
N PRO A 113 -2.62 -12.80 -9.58
CA PRO A 113 -4.01 -12.50 -9.89
C PRO A 113 -4.69 -11.66 -8.84
N PRO A 114 -5.71 -10.92 -9.23
CA PRO A 114 -6.46 -10.07 -8.32
C PRO A 114 -7.52 -10.79 -7.54
N ASP A 115 -7.72 -12.09 -7.84
CA ASP A 115 -8.75 -12.85 -7.18
C ASP A 115 -8.11 -13.62 -6.05
N ASP A 116 -6.87 -13.28 -5.69
CA ASP A 116 -6.21 -13.98 -4.62
C ASP A 116 -6.69 -13.35 -3.34
N MET A 117 -7.86 -13.81 -2.84
CA MET A 117 -8.42 -13.27 -1.63
C MET A 117 -7.82 -13.98 -0.44
N SER A 118 -6.94 -14.98 -0.67
CA SER A 118 -6.35 -15.70 0.44
C SER A 118 -5.31 -14.81 1.08
N VAL A 119 -5.00 -13.66 0.45
CA VAL A 119 -4.03 -12.74 1.00
C VAL A 119 -4.61 -12.08 2.22
N TRP A 120 -5.95 -12.21 2.42
CA TRP A 120 -6.60 -11.60 3.54
C TRP A 120 -6.20 -12.33 4.80
N ASN A 121 -5.86 -13.63 4.68
CA ASN A 121 -5.49 -14.40 5.85
C ASN A 121 -4.13 -14.99 5.61
N TRP A 122 -3.11 -14.49 6.33
CA TRP A 122 -1.78 -15.00 6.17
C TRP A 122 -1.69 -16.33 6.96
N ALA A 1 18.49 22.08 -3.85
CA ALA A 1 17.51 21.16 -4.50
C ALA A 1 17.72 19.75 -4.02
N ASP A 2 17.50 19.52 -2.70
CA ASP A 2 17.66 18.20 -2.16
C ASP A 2 16.32 17.53 -2.24
N ALA A 3 16.17 16.62 -3.22
CA ALA A 3 14.92 15.91 -3.38
C ALA A 3 15.23 14.60 -4.03
N THR A 4 14.36 13.60 -3.80
CA THR A 4 14.57 12.30 -4.37
C THR A 4 13.28 11.90 -5.02
N ASP A 5 13.32 10.85 -5.88
CA ASP A 5 12.12 10.39 -6.54
C ASP A 5 11.50 9.31 -5.70
N ASP A 6 12.08 9.05 -4.51
CA ASP A 6 11.55 8.02 -3.64
C ASP A 6 10.64 8.68 -2.64
N TYR A 7 10.49 10.01 -2.73
CA TYR A 7 9.62 10.73 -1.83
C TYR A 7 8.84 11.77 -2.65
N PRO A 8 7.48 11.80 -2.64
CA PRO A 8 6.63 10.89 -1.87
C PRO A 8 6.56 9.49 -2.42
N ILE A 9 5.34 8.89 -2.43
CA ILE A 9 5.17 7.51 -2.91
C ILE A 9 5.87 7.40 -4.24
N PRO A 10 6.69 6.36 -4.38
CA PRO A 10 7.46 6.13 -5.59
C PRO A 10 6.65 6.13 -6.84
N ASN A 11 7.27 6.65 -7.93
CA ASN A 11 6.61 6.72 -9.22
C ASN A 11 6.25 5.33 -9.66
N ARG A 12 7.11 4.34 -9.37
CA ARG A 12 6.84 2.98 -9.79
C ARG A 12 5.59 2.49 -9.12
N ILE A 13 5.44 2.79 -7.80
CA ILE A 13 4.27 2.36 -7.08
C ILE A 13 3.08 3.17 -7.52
N MET A 14 3.27 4.48 -7.74
CA MET A 14 2.18 5.35 -8.14
C MET A 14 1.60 4.90 -9.46
N ARG A 15 2.47 4.56 -10.44
CA ARG A 15 1.99 4.17 -11.74
C ARG A 15 1.92 2.67 -11.85
N THR A 16 1.48 1.96 -10.78
CA THR A 16 1.39 0.53 -10.86
C THR A 16 -0.08 0.20 -10.86
N PRO A 17 -0.57 -0.35 -11.94
CA PRO A 17 -1.95 -0.71 -11.98
C PRO A 17 -2.15 -2.10 -11.44
N CYS A 18 -2.38 -2.19 -10.12
CA CYS A 18 -2.58 -3.48 -9.50
C CYS A 18 -3.56 -3.30 -8.39
N THR A 19 -4.26 -4.39 -8.02
CA THR A 19 -5.21 -4.33 -6.95
C THR A 19 -4.46 -4.50 -5.65
N ALA A 20 -5.18 -4.32 -4.54
CA ALA A 20 -4.61 -4.43 -3.22
C ALA A 20 -4.15 -5.84 -3.01
N GLU A 21 -4.98 -6.80 -3.44
CA GLU A 21 -4.65 -8.19 -3.27
C GLU A 21 -3.41 -8.48 -4.07
N GLN A 22 -3.33 -7.88 -5.27
CA GLN A 22 -2.21 -8.11 -6.13
C GLN A 22 -0.93 -7.59 -5.51
N ILE A 23 -0.93 -6.37 -4.94
CA ILE A 23 0.27 -5.83 -4.36
C ILE A 23 0.56 -6.53 -3.07
N MET A 24 -0.48 -6.84 -2.28
CA MET A 24 -0.27 -7.50 -1.00
C MET A 24 0.39 -8.83 -1.25
N ALA A 25 -0.06 -9.58 -2.29
CA ALA A 25 0.54 -10.88 -2.58
C ALA A 25 1.98 -10.68 -2.98
N ALA A 26 2.26 -9.66 -3.82
CA ALA A 26 3.61 -9.41 -4.27
C ALA A 26 4.50 -9.05 -3.12
N ALA A 27 3.96 -8.25 -2.17
CA ALA A 27 4.73 -7.82 -1.03
C ALA A 27 5.15 -9.01 -0.22
N ARG A 28 4.25 -9.99 -0.05
CA ARG A 28 4.57 -11.17 0.72
C ARG A 28 5.70 -11.91 0.08
N ASP A 29 5.67 -12.05 -1.26
CA ASP A 29 6.68 -12.80 -1.97
C ASP A 29 8.02 -12.10 -1.91
N VAL A 30 8.05 -10.76 -2.10
CA VAL A 30 9.34 -10.07 -2.13
C VAL A 30 9.86 -9.80 -0.74
N GLU A 31 8.98 -9.37 0.20
CA GLU A 31 9.47 -9.07 1.54
C GLU A 31 8.50 -9.65 2.54
N PRO A 32 8.66 -10.93 2.82
CA PRO A 32 7.79 -11.60 3.76
C PRO A 32 8.02 -11.19 5.18
N VAL A 33 9.26 -10.77 5.48
CA VAL A 33 9.61 -10.36 6.82
C VAL A 33 8.82 -9.12 7.17
N TYR A 34 8.84 -8.11 6.27
CA TYR A 34 8.12 -6.88 6.53
C TYR A 34 6.65 -7.13 6.40
N TYR A 35 6.26 -8.05 5.49
CA TYR A 35 4.87 -8.35 5.27
C TYR A 35 4.26 -8.91 6.53
N GLU A 36 4.99 -9.83 7.19
CA GLU A 36 4.49 -10.45 8.41
C GLU A 36 4.31 -9.40 9.48
N ARG A 37 5.25 -8.42 9.57
CA ARG A 37 5.13 -7.39 10.58
C ARG A 37 3.87 -6.59 10.32
N TYR A 38 3.60 -6.27 9.03
CA TYR A 38 2.42 -5.51 8.68
C TYR A 38 1.19 -6.29 9.10
N MET A 39 1.12 -7.59 8.74
CA MET A 39 -0.05 -8.39 9.08
C MET A 39 -0.20 -8.51 10.58
N THR A 40 0.93 -8.66 11.31
CA THR A 40 0.85 -8.82 12.75
C THR A 40 0.20 -7.58 13.34
N ASP A 41 0.64 -6.39 12.90
CA ASP A 41 0.08 -5.16 13.42
C ASP A 41 -1.34 -5.02 12.90
N TYR A 42 -1.56 -5.43 11.64
CA TYR A 42 -2.86 -5.32 11.01
C TYR A 42 -3.89 -6.06 11.82
N LYS A 43 -3.60 -7.31 12.22
CA LYS A 43 -4.59 -8.08 12.96
C LYS A 43 -4.57 -7.68 14.42
N ASN A 44 -3.66 -6.77 14.82
CA ASN A 44 -3.60 -6.36 16.19
C ASN A 44 -4.55 -5.20 16.39
N LYS A 45 -5.05 -4.62 15.28
CA LYS A 45 -5.96 -3.50 15.39
C LYS A 45 -7.35 -4.03 15.27
N PRO A 46 -8.31 -3.25 15.73
CA PRO A 46 -9.71 -3.63 15.66
C PRO A 46 -10.15 -3.87 14.23
N PRO A 47 -11.17 -4.67 14.03
CA PRO A 47 -11.63 -4.98 12.68
C PRO A 47 -12.08 -3.77 11.92
N HIS A 48 -12.47 -2.70 12.65
CA HIS A 48 -12.91 -1.49 12.00
C HIS A 48 -11.72 -0.87 11.30
N VAL A 49 -10.53 -0.90 11.95
CA VAL A 49 -9.35 -0.31 11.37
C VAL A 49 -8.90 -1.19 10.24
N GLN A 50 -8.97 -2.51 10.45
CA GLN A 50 -8.54 -3.45 9.44
C GLN A 50 -9.35 -3.25 8.19
N GLN A 51 -10.68 -3.14 8.35
CA GLN A 51 -11.54 -2.96 7.21
C GLN A 51 -11.34 -1.57 6.66
N ALA A 52 -11.15 -0.58 7.56
CA ALA A 52 -10.99 0.79 7.12
C ALA A 52 -9.77 0.93 6.24
N ALA A 53 -8.64 0.30 6.63
CA ALA A 53 -7.43 0.42 5.86
C ALA A 53 -7.58 -0.31 4.56
N ARG A 54 -8.20 -1.50 4.62
CA ARG A 54 -8.40 -2.31 3.44
C ARG A 54 -9.31 -1.59 2.47
N ASP A 55 -10.41 -1.00 2.98
CA ASP A 55 -11.36 -0.31 2.15
C ASP A 55 -10.70 0.88 1.49
N ARG A 56 -9.84 1.59 2.24
CA ARG A 56 -9.19 2.76 1.70
C ARG A 56 -8.31 2.37 0.54
N ILE A 57 -7.55 1.25 0.66
CA ILE A 57 -6.67 0.83 -0.42
C ILE A 57 -7.51 0.43 -1.59
N HIS A 58 -8.63 -0.25 -1.31
CA HIS A 58 -9.50 -0.74 -2.34
C HIS A 58 -10.03 0.42 -3.16
N TRP A 59 -10.45 1.52 -2.50
CA TRP A 59 -11.00 2.64 -3.22
C TRP A 59 -9.92 3.32 -4.04
N PHE A 60 -8.69 3.42 -3.51
CA PHE A 60 -7.64 4.10 -4.25
C PHE A 60 -7.28 3.31 -5.47
N PHE A 61 -7.20 1.97 -5.38
CA PHE A 61 -6.82 1.20 -6.55
C PHE A 61 -8.03 1.00 -7.42
N SER A 62 -9.23 1.35 -6.93
CA SER A 62 -10.43 1.21 -7.73
C SER A 62 -10.31 2.15 -8.90
N MET A 63 -9.86 3.40 -8.65
CA MET A 63 -9.71 4.37 -9.71
C MET A 63 -8.38 4.12 -10.38
N ASP A 64 -7.53 3.29 -9.72
CA ASP A 64 -6.26 2.92 -10.26
C ASP A 64 -5.29 4.08 -10.18
N TYR A 65 -4.75 4.50 -11.34
CA TYR A 65 -3.79 5.58 -11.38
C TYR A 65 -4.42 6.83 -10.81
N ALA A 66 -5.69 7.11 -11.18
CA ALA A 66 -6.33 8.31 -10.72
C ALA A 66 -6.42 8.34 -9.21
N GLY A 67 -6.81 7.20 -8.60
CA GLY A 67 -6.94 7.16 -7.15
C GLY A 67 -5.58 7.22 -6.50
N ARG A 68 -4.61 6.47 -7.05
CA ARG A 68 -3.30 6.43 -6.46
C ARG A 68 -2.64 7.78 -6.59
N ARG A 69 -2.84 8.46 -7.74
CA ARG A 69 -2.23 9.76 -7.95
C ARG A 69 -2.74 10.72 -6.91
N GLN A 70 -4.07 10.70 -6.62
CA GLN A 70 -4.62 11.59 -5.63
C GLN A 70 -4.05 11.25 -4.29
N TYR A 71 -3.89 9.95 -3.99
CA TYR A 71 -3.35 9.55 -2.71
C TYR A 71 -1.94 10.09 -2.56
N SER A 72 -1.09 9.90 -3.59
CA SER A 72 0.27 10.37 -3.50
C SER A 72 0.29 11.87 -3.43
N GLU A 73 -0.60 12.54 -4.20
CA GLU A 73 -0.63 13.98 -4.22
C GLU A 73 -1.11 14.50 -2.90
N ASN A 74 -2.18 13.89 -2.34
CA ASN A 74 -2.71 14.34 -1.07
C ASN A 74 -1.70 14.14 0.03
N THR A 75 -0.98 12.99 0.01
CA THR A 75 -0.01 12.73 1.06
C THR A 75 1.18 13.63 0.88
N ALA A 76 1.46 14.05 -0.37
CA ALA A 76 2.59 14.93 -0.61
C ALA A 76 2.35 16.24 0.09
N THR A 77 1.09 16.74 0.06
CA THR A 77 0.77 17.99 0.69
C THR A 77 0.76 17.78 2.19
N ASP A 78 0.14 16.68 2.66
CA ASP A 78 0.09 16.44 4.08
C ASP A 78 -0.09 14.96 4.27
N ALA A 79 0.90 14.30 4.89
CA ALA A 79 0.83 12.87 5.12
C ALA A 79 -0.33 12.58 6.04
N PHE A 80 -0.57 13.46 7.04
CA PHE A 80 -1.63 13.24 7.99
C PHE A 80 -2.94 13.77 7.43
N PHE A 81 -3.02 13.95 6.10
CA PHE A 81 -4.24 14.45 5.49
C PHE A 81 -5.34 13.45 5.74
N GLU A 82 -5.07 12.15 5.47
CA GLU A 82 -6.07 11.13 5.64
C GLU A 82 -6.26 10.92 7.12
N GLN A 83 -7.54 10.84 7.55
CA GLN A 83 -7.87 10.66 8.93
C GLN A 83 -7.42 9.30 9.40
N LEU A 84 -7.10 8.38 8.47
CA LEU A 84 -6.67 7.06 8.86
C LEU A 84 -5.29 7.15 9.45
N ALA A 85 -4.50 8.16 9.01
CA ALA A 85 -3.16 8.32 9.54
C ALA A 85 -3.30 8.60 11.01
N TRP A 86 -4.37 9.34 11.37
CA TRP A 86 -4.63 9.69 12.75
C TRP A 86 -4.97 8.44 13.51
N MET A 87 -5.67 7.48 12.88
CA MET A 87 -6.06 6.27 13.57
C MET A 87 -4.89 5.32 13.59
N TRP A 88 -4.35 5.03 12.40
CA TRP A 88 -3.26 4.10 12.27
C TRP A 88 -2.29 4.72 11.29
N PRO A 89 -1.21 5.27 11.78
CA PRO A 89 -0.22 5.92 10.94
C PRO A 89 0.58 4.97 10.10
N ASN A 90 0.51 3.66 10.40
CA ASN A 90 1.28 2.69 9.66
C ASN A 90 0.32 1.87 8.85
N TRP A 91 -0.89 2.41 8.58
CA TRP A 91 -1.88 1.68 7.81
C TRP A 91 -1.34 1.34 6.44
N ALA A 92 -0.43 2.18 5.88
CA ALA A 92 0.09 1.86 4.58
C ALA A 92 1.59 1.97 4.62
N LYS A 93 2.24 1.18 5.49
CA LYS A 93 3.69 1.21 5.56
C LYS A 93 4.20 0.23 4.53
N LEU A 94 3.40 -0.82 4.28
CA LEU A 94 3.78 -1.85 3.34
C LEU A 94 3.86 -1.25 1.96
N PHE A 95 2.85 -0.42 1.60
CA PHE A 95 2.83 0.18 0.28
C PHE A 95 3.87 1.26 0.19
N PHE A 96 4.05 2.05 1.27
CA PHE A 96 5.02 3.10 1.27
C PHE A 96 6.36 2.50 1.58
N ASN A 97 6.95 1.82 0.58
CA ASN A 97 8.23 1.19 0.76
C ASN A 97 9.06 1.65 -0.40
N ASN A 98 10.23 2.25 -0.11
CA ASN A 98 11.06 2.80 -1.15
C ASN A 98 12.23 1.91 -1.40
N LYS A 99 12.23 0.71 -0.84
CA LYS A 99 13.33 -0.18 -1.07
C LYS A 99 13.10 -0.78 -2.43
N GLY A 100 13.75 -1.92 -2.69
CA GLY A 100 13.60 -2.62 -3.96
C GLY A 100 12.16 -3.02 -4.12
N VAL A 101 11.38 -2.88 -3.02
CA VAL A 101 9.99 -3.21 -3.01
C VAL A 101 9.27 -2.41 -4.06
N ALA A 102 9.59 -1.10 -4.19
CA ALA A 102 8.89 -0.27 -5.15
C ALA A 102 9.08 -0.81 -6.55
N ALA A 103 10.27 -1.32 -6.88
CA ALA A 103 10.51 -1.80 -8.23
C ALA A 103 9.97 -3.19 -8.41
N ASN A 104 10.32 -4.11 -7.48
CA ASN A 104 9.90 -5.49 -7.60
C ASN A 104 8.40 -5.61 -7.47
N THR A 105 7.79 -4.83 -6.57
CA THR A 105 6.36 -4.92 -6.33
C THR A 105 5.60 -4.54 -7.58
N THR A 106 6.02 -3.48 -8.28
CA THR A 106 5.32 -3.03 -9.47
C THR A 106 5.36 -4.12 -10.53
N ASP A 107 6.51 -4.78 -10.70
CA ASP A 107 6.64 -5.79 -11.72
C ASP A 107 6.14 -7.13 -11.24
N VAL A 108 5.76 -7.27 -9.95
CA VAL A 108 5.36 -8.58 -9.46
C VAL A 108 3.90 -8.56 -9.09
N CYS A 109 3.33 -7.38 -8.78
CA CYS A 109 1.93 -7.34 -8.41
C CYS A 109 1.11 -7.74 -9.60
N GLU A 110 1.66 -7.56 -10.81
CA GLU A 110 0.97 -7.92 -12.00
C GLU A 110 1.08 -9.39 -12.22
N GLN A 111 2.07 -10.02 -11.57
CA GLN A 111 2.26 -11.44 -11.72
C GLN A 111 1.18 -12.19 -10.96
N TYR A 112 0.72 -11.62 -9.83
CA TYR A 112 -0.28 -12.30 -9.02
C TYR A 112 -1.66 -11.81 -9.40
N PRO A 113 -2.64 -12.66 -9.17
CA PRO A 113 -4.03 -12.33 -9.45
C PRO A 113 -4.68 -11.50 -8.38
N PRO A 114 -5.75 -10.81 -8.71
CA PRO A 114 -6.47 -9.97 -7.77
C PRO A 114 -7.43 -10.71 -6.88
N ASP A 115 -7.57 -12.03 -7.12
CA ASP A 115 -8.51 -12.82 -6.35
C ASP A 115 -7.79 -13.47 -5.22
N ASP A 116 -6.53 -13.06 -4.95
CA ASP A 116 -5.79 -13.67 -3.87
C ASP A 116 -6.19 -12.95 -2.61
N MET A 117 -7.33 -13.37 -2.01
CA MET A 117 -7.83 -12.75 -0.80
C MET A 117 -7.13 -13.39 0.37
N SER A 118 -6.27 -14.39 0.11
CA SER A 118 -5.56 -15.06 1.18
C SER A 118 -4.47 -14.15 1.67
N VAL A 119 -4.27 -13.02 0.96
CA VAL A 119 -3.25 -12.07 1.33
C VAL A 119 -3.67 -11.39 2.61
N TRP A 120 -4.99 -11.34 2.88
CA TRP A 120 -5.46 -10.66 4.06
C TRP A 120 -5.53 -11.62 5.21
N ASN A 121 -5.70 -12.94 4.93
CA ASN A 121 -5.76 -13.89 6.01
C ASN A 121 -4.65 -14.88 5.81
N TRP A 122 -3.58 -14.75 6.61
CA TRP A 122 -2.47 -15.66 6.50
C TRP A 122 -2.88 -17.01 7.12
N ALA A 1 21.95 16.24 -0.46
CA ALA A 1 22.38 16.54 -1.85
C ALA A 1 21.19 16.78 -2.74
N ASP A 2 20.20 15.87 -2.70
CA ASP A 2 19.03 16.02 -3.51
C ASP A 2 17.97 15.16 -2.91
N ALA A 3 16.69 15.44 -3.22
CA ALA A 3 15.60 14.67 -2.69
C ALA A 3 15.60 13.35 -3.42
N THR A 4 15.23 12.27 -2.70
CA THR A 4 15.21 10.96 -3.31
C THR A 4 13.92 10.86 -4.09
N ASP A 5 13.86 9.88 -5.01
CA ASP A 5 12.67 9.69 -5.81
C ASP A 5 11.81 8.65 -5.12
N ASP A 6 12.25 8.19 -3.93
CA ASP A 6 11.51 7.20 -3.21
C ASP A 6 10.64 7.89 -2.19
N TYR A 7 10.71 9.23 -2.13
CA TYR A 7 9.89 9.97 -1.20
C TYR A 7 9.29 11.17 -1.95
N PRO A 8 7.93 11.37 -1.97
CA PRO A 8 6.94 10.53 -1.31
C PRO A 8 6.74 9.18 -1.95
N ILE A 9 5.47 8.71 -2.04
CA ILE A 9 5.18 7.39 -2.59
C ILE A 9 5.94 7.25 -3.90
N PRO A 10 6.67 6.15 -4.05
CA PRO A 10 7.47 5.90 -5.25
C PRO A 10 6.69 6.02 -6.52
N ASN A 11 7.38 6.53 -7.56
CA ASN A 11 6.75 6.72 -8.85
C ASN A 11 6.30 5.40 -9.39
N ARG A 12 7.12 4.34 -9.23
CA ARG A 12 6.75 3.04 -9.75
C ARG A 12 5.52 2.54 -9.05
N ILE A 13 5.43 2.75 -7.72
CA ILE A 13 4.27 2.29 -6.97
C ILE A 13 3.09 3.15 -7.34
N MET A 14 3.30 4.46 -7.50
CA MET A 14 2.22 5.36 -7.82
C MET A 14 1.61 5.01 -9.16
N ARG A 15 2.44 4.68 -10.17
CA ARG A 15 1.90 4.37 -11.48
C ARG A 15 1.86 2.88 -11.70
N THR A 16 1.48 2.09 -10.67
CA THR A 16 1.42 0.66 -10.86
C THR A 16 -0.04 0.31 -10.83
N PRO A 17 -0.55 -0.19 -11.92
CA PRO A 17 -1.92 -0.58 -11.95
C PRO A 17 -2.09 -1.99 -11.48
N CYS A 18 -2.30 -2.14 -10.16
CA CYS A 18 -2.48 -3.45 -9.58
C CYS A 18 -3.45 -3.31 -8.46
N THR A 19 -4.15 -4.41 -8.12
CA THR A 19 -5.09 -4.37 -7.03
C THR A 19 -4.30 -4.56 -5.76
N ALA A 20 -4.97 -4.34 -4.62
CA ALA A 20 -4.33 -4.47 -3.33
C ALA A 20 -3.95 -5.90 -3.12
N GLU A 21 -4.83 -6.83 -3.50
CA GLU A 21 -4.55 -8.23 -3.33
C GLU A 21 -3.35 -8.57 -4.17
N GLN A 22 -3.28 -7.98 -5.37
CA GLN A 22 -2.17 -8.23 -6.26
C GLN A 22 -0.88 -7.74 -5.66
N ILE A 23 -0.89 -6.51 -5.10
CA ILE A 23 0.32 -5.96 -4.52
C ILE A 23 0.64 -6.67 -3.24
N MET A 24 -0.39 -6.98 -2.42
CA MET A 24 -0.15 -7.64 -1.17
C MET A 24 0.45 -9.00 -1.43
N ALA A 25 -0.05 -9.73 -2.45
CA ALA A 25 0.49 -11.04 -2.77
C ALA A 25 1.92 -10.89 -3.20
N ALA A 26 2.20 -9.87 -4.03
CA ALA A 26 3.54 -9.63 -4.52
C ALA A 26 4.43 -9.26 -3.36
N ALA A 27 3.90 -8.44 -2.43
CA ALA A 27 4.66 -7.99 -1.29
C ALA A 27 5.07 -9.17 -0.45
N ARG A 28 4.17 -10.15 -0.28
CA ARG A 28 4.48 -11.31 0.53
C ARG A 28 5.64 -12.05 -0.07
N ASP A 29 5.63 -12.25 -1.40
CA ASP A 29 6.70 -12.98 -2.04
C ASP A 29 7.97 -12.16 -2.03
N VAL A 30 7.86 -10.85 -2.33
CA VAL A 30 9.03 -10.00 -2.40
C VAL A 30 9.68 -9.89 -1.04
N GLU A 31 8.89 -9.60 0.02
CA GLU A 31 9.48 -9.47 1.33
C GLU A 31 8.49 -10.02 2.33
N PRO A 32 8.59 -11.30 2.60
CA PRO A 32 7.68 -11.96 3.53
C PRO A 32 7.92 -11.54 4.94
N VAL A 33 9.18 -11.22 5.26
CA VAL A 33 9.52 -10.80 6.60
C VAL A 33 8.84 -9.49 6.89
N TYR A 34 8.92 -8.54 5.94
CA TYR A 34 8.31 -7.24 6.13
C TYR A 34 6.81 -7.41 6.08
N TYR A 35 6.33 -8.29 5.19
CA TYR A 35 4.91 -8.52 5.03
C TYR A 35 4.35 -9.03 6.34
N GLU A 36 5.07 -9.97 6.98
CA GLU A 36 4.61 -10.53 8.24
C GLU A 36 4.55 -9.44 9.28
N ARG A 37 5.54 -8.52 9.29
CA ARG A 37 5.53 -7.45 10.27
C ARG A 37 4.32 -6.57 10.02
N TYR A 38 4.01 -6.32 8.73
CA TYR A 38 2.88 -5.48 8.38
C TYR A 38 1.60 -6.11 8.89
N MET A 39 1.38 -7.41 8.61
CA MET A 39 0.14 -8.05 9.03
C MET A 39 0.08 -8.11 10.54
N THR A 40 1.24 -8.14 11.21
CA THR A 40 1.24 -8.21 12.66
C THR A 40 0.63 -6.94 13.18
N ASP A 41 1.02 -5.79 12.61
CA ASP A 41 0.50 -4.51 13.05
C ASP A 41 -0.89 -4.34 12.47
N TYR A 42 -1.15 -4.95 11.30
CA TYR A 42 -2.42 -4.84 10.65
C TYR A 42 -3.48 -5.49 11.52
N LYS A 43 -3.13 -6.63 12.16
CA LYS A 43 -4.06 -7.32 13.02
C LYS A 43 -4.11 -6.60 14.36
N ASN A 44 -3.03 -5.86 14.68
CA ASN A 44 -2.95 -5.16 15.95
C ASN A 44 -3.97 -4.06 16.02
N LYS A 45 -4.23 -3.35 14.89
CA LYS A 45 -5.19 -2.28 14.91
C LYS A 45 -6.56 -2.90 14.97
N PRO A 46 -7.51 -2.16 15.52
CA PRO A 46 -8.88 -2.63 15.63
C PRO A 46 -9.48 -3.00 14.31
N PRO A 47 -10.40 -3.94 14.29
CA PRO A 47 -11.05 -4.37 13.04
C PRO A 47 -11.62 -3.24 12.26
N HIS A 48 -12.12 -2.20 12.97
CA HIS A 48 -12.68 -1.04 12.31
C HIS A 48 -11.61 -0.36 11.49
N VAL A 49 -10.40 -0.21 12.07
CA VAL A 49 -9.33 0.48 11.37
C VAL A 49 -8.82 -0.45 10.30
N GLN A 50 -8.75 -1.76 10.63
CA GLN A 50 -8.26 -2.75 9.70
C GLN A 50 -9.15 -2.75 8.47
N GLN A 51 -10.48 -2.76 8.68
CA GLN A 51 -11.40 -2.77 7.58
C GLN A 51 -11.38 -1.41 6.91
N ALA A 52 -11.26 -0.33 7.71
CA ALA A 52 -11.26 1.01 7.17
C ALA A 52 -10.07 1.19 6.26
N ALA A 53 -8.91 0.64 6.65
CA ALA A 53 -7.70 0.78 5.87
C ALA A 53 -7.89 0.06 4.57
N ARG A 54 -8.52 -1.13 4.65
CA ARG A 54 -8.75 -1.92 3.46
C ARG A 54 -9.70 -1.20 2.55
N ASP A 55 -10.75 -0.59 3.11
CA ASP A 55 -11.74 0.10 2.29
C ASP A 55 -11.06 1.26 1.59
N ARG A 56 -10.19 2.00 2.30
CA ARG A 56 -9.52 3.15 1.72
C ARG A 56 -8.59 2.71 0.61
N ILE A 57 -7.86 1.59 0.79
CA ILE A 57 -6.91 1.18 -0.23
C ILE A 57 -7.66 0.62 -1.40
N HIS A 58 -8.84 0.02 -1.14
CA HIS A 58 -9.63 -0.57 -2.19
C HIS A 58 -10.16 0.54 -3.05
N TRP A 59 -10.62 1.63 -2.40
CA TRP A 59 -11.18 2.76 -3.10
C TRP A 59 -10.14 3.38 -3.99
N PHE A 60 -8.91 3.59 -3.46
CA PHE A 60 -7.87 4.23 -4.24
C PHE A 60 -7.49 3.36 -5.41
N PHE A 61 -7.36 2.03 -5.21
CA PHE A 61 -6.99 1.17 -6.31
C PHE A 61 -8.13 1.05 -7.29
N SER A 62 -9.38 1.25 -6.84
CA SER A 62 -10.51 1.16 -7.75
C SER A 62 -10.37 2.22 -8.80
N MET A 63 -9.97 3.45 -8.39
CA MET A 63 -9.78 4.52 -9.34
C MET A 63 -8.51 4.22 -10.11
N ASP A 64 -7.53 3.63 -9.38
CA ASP A 64 -6.28 3.21 -9.95
C ASP A 64 -5.33 4.38 -10.01
N TYR A 65 -4.91 4.77 -11.22
CA TYR A 65 -3.97 5.87 -11.38
C TYR A 65 -4.55 7.12 -10.79
N ALA A 66 -5.83 7.42 -11.11
CA ALA A 66 -6.43 8.64 -10.62
C ALA A 66 -6.48 8.65 -9.12
N GLY A 67 -6.85 7.51 -8.49
CA GLY A 67 -6.95 7.46 -7.05
C GLY A 67 -5.58 7.51 -6.43
N ARG A 68 -4.62 6.76 -7.00
CA ARG A 68 -3.29 6.71 -6.43
C ARG A 68 -2.62 8.06 -6.59
N ARG A 69 -2.83 8.73 -7.75
CA ARG A 69 -2.22 10.02 -7.98
C ARG A 69 -2.70 10.99 -6.93
N GLN A 70 -4.03 11.01 -6.67
CA GLN A 70 -4.58 11.91 -5.69
C GLN A 70 -4.08 11.51 -4.33
N TYR A 71 -3.98 10.19 -4.07
CA TYR A 71 -3.51 9.73 -2.79
C TYR A 71 -2.10 10.22 -2.57
N SER A 72 -1.23 10.04 -3.59
CA SER A 72 0.15 10.48 -3.48
C SER A 72 0.19 11.97 -3.31
N GLU A 73 -0.59 12.71 -4.12
CA GLU A 73 -0.59 14.14 -4.07
C GLU A 73 -1.10 14.62 -2.73
N ASN A 74 -2.23 14.03 -2.24
CA ASN A 74 -2.80 14.46 -0.99
C ASN A 74 -1.85 14.16 0.15
N THR A 75 -1.19 12.98 0.13
CA THR A 75 -0.27 12.64 1.21
C THR A 75 0.98 13.47 1.11
N ALA A 76 1.37 13.85 -0.13
CA ALA A 76 2.56 14.65 -0.31
C ALA A 76 2.37 15.99 0.34
N THR A 77 1.17 16.59 0.19
CA THR A 77 0.93 17.90 0.77
C THR A 77 0.75 17.76 2.25
N ASP A 78 0.06 16.69 2.71
CA ASP A 78 -0.15 16.51 4.13
C ASP A 78 -0.34 15.03 4.36
N ALA A 79 0.65 14.39 5.03
CA ALA A 79 0.58 12.98 5.31
C ALA A 79 -0.59 12.71 6.22
N PHE A 80 -0.86 13.61 7.17
CA PHE A 80 -1.93 13.41 8.11
C PHE A 80 -3.25 13.84 7.50
N PHE A 81 -3.32 13.96 6.16
CA PHE A 81 -4.54 14.34 5.51
C PHE A 81 -5.51 13.20 5.64
N GLU A 82 -5.00 11.96 5.51
CA GLU A 82 -5.84 10.79 5.58
C GLU A 82 -6.36 10.64 6.98
N GLN A 83 -7.67 10.34 7.08
CA GLN A 83 -8.32 10.17 8.35
C GLN A 83 -7.79 8.92 8.99
N LEU A 84 -7.38 7.94 8.17
CA LEU A 84 -6.86 6.69 8.69
C LEU A 84 -5.57 6.97 9.40
N ALA A 85 -4.76 7.92 8.88
CA ALA A 85 -3.49 8.23 9.50
C ALA A 85 -3.75 8.76 10.88
N TRP A 86 -4.95 9.35 11.09
CA TRP A 86 -5.29 9.88 12.39
C TRP A 86 -5.48 8.74 13.35
N MET A 87 -6.17 7.66 12.90
CA MET A 87 -6.43 6.54 13.77
C MET A 87 -5.18 5.68 13.88
N TRP A 88 -4.49 5.45 12.74
CA TRP A 88 -3.31 4.63 12.77
C TRP A 88 -2.48 5.03 11.56
N PRO A 89 -1.29 5.51 11.81
CA PRO A 89 -0.41 5.99 10.75
C PRO A 89 0.34 4.91 10.02
N ASN A 90 0.23 3.65 10.49
CA ASN A 90 0.96 2.58 9.86
C ASN A 90 -0.01 1.76 9.06
N TRP A 91 -1.18 2.35 8.72
CA TRP A 91 -2.19 1.62 8.00
C TRP A 91 -1.69 1.18 6.64
N ALA A 92 -0.76 1.94 6.01
CA ALA A 92 -0.28 1.52 4.71
C ALA A 92 1.22 1.65 4.64
N LYS A 93 1.95 0.94 5.53
CA LYS A 93 3.39 0.98 5.48
C LYS A 93 3.86 -0.06 4.50
N LEU A 94 3.00 -1.05 4.20
CA LEU A 94 3.37 -2.09 3.28
C LEU A 94 3.47 -1.51 1.90
N PHE A 95 2.50 -0.63 1.53
CA PHE A 95 2.52 -0.04 0.21
C PHE A 95 3.58 1.03 0.18
N PHE A 96 3.72 1.77 1.29
CA PHE A 96 4.72 2.80 1.35
C PHE A 96 6.03 2.13 1.74
N ASN A 97 6.66 1.47 0.75
CA ASN A 97 7.90 0.80 0.99
C ASN A 97 8.87 1.40 0.02
N ASN A 98 10.06 1.75 0.50
CA ASN A 98 11.02 2.41 -0.34
C ASN A 98 12.17 1.52 -0.63
N LYS A 99 12.07 0.25 -0.25
CA LYS A 99 13.15 -0.66 -0.53
C LYS A 99 12.96 -1.11 -1.95
N GLY A 100 13.60 -2.24 -2.29
CA GLY A 100 13.49 -2.81 -3.63
C GLY A 100 12.06 -3.20 -3.85
N VAL A 101 11.26 -3.16 -2.76
CA VAL A 101 9.87 -3.52 -2.81
C VAL A 101 9.19 -2.63 -3.82
N ALA A 102 9.51 -1.32 -3.83
CA ALA A 102 8.85 -0.41 -4.77
C ALA A 102 9.08 -0.87 -6.20
N ALA A 103 10.29 -1.37 -6.51
CA ALA A 103 10.58 -1.77 -7.87
C ALA A 103 10.07 -3.17 -8.15
N ASN A 104 10.43 -4.13 -7.28
CA ASN A 104 10.05 -5.52 -7.49
C ASN A 104 8.55 -5.68 -7.43
N THR A 105 7.89 -5.00 -6.49
CA THR A 105 6.45 -5.13 -6.32
C THR A 105 5.73 -4.68 -7.57
N THR A 106 6.13 -3.53 -8.13
CA THR A 106 5.48 -3.02 -9.31
C THR A 106 5.68 -3.98 -10.45
N ASP A 107 6.89 -4.55 -10.55
CA ASP A 107 7.23 -5.43 -11.63
C ASP A 107 6.61 -6.81 -11.44
N VAL A 108 5.95 -7.13 -10.29
CA VAL A 108 5.45 -8.49 -10.15
C VAL A 108 4.01 -8.50 -9.72
N CYS A 109 3.45 -7.34 -9.30
CA CYS A 109 2.07 -7.31 -8.88
C CYS A 109 1.21 -7.52 -10.10
N GLU A 110 1.82 -7.31 -11.29
CA GLU A 110 1.12 -7.46 -12.53
C GLU A 110 1.04 -8.92 -12.90
N GLN A 111 1.75 -9.80 -12.16
CA GLN A 111 1.72 -11.20 -12.50
C GLN A 111 0.78 -11.94 -11.59
N TYR A 112 0.61 -11.47 -10.33
CA TYR A 112 -0.28 -12.14 -9.41
C TYR A 112 -1.70 -11.76 -9.72
N PRO A 113 -2.62 -12.65 -9.42
CA PRO A 113 -4.04 -12.42 -9.65
C PRO A 113 -4.68 -11.57 -8.57
N PRO A 114 -5.75 -10.89 -8.92
CA PRO A 114 -6.47 -10.03 -7.98
C PRO A 114 -7.42 -10.78 -7.09
N ASP A 115 -7.57 -12.10 -7.35
CA ASP A 115 -8.50 -12.90 -6.58
C ASP A 115 -7.72 -13.64 -5.53
N ASP A 116 -6.49 -13.18 -5.22
CA ASP A 116 -5.70 -13.85 -4.22
C ASP A 116 -6.18 -13.32 -2.89
N MET A 117 -7.10 -14.07 -2.25
CA MET A 117 -7.64 -13.66 -0.98
C MET A 117 -6.80 -14.24 0.13
N SER A 118 -5.72 -14.98 -0.21
CA SER A 118 -4.89 -15.56 0.83
C SER A 118 -4.11 -14.46 1.50
N VAL A 119 -4.09 -13.25 0.86
CA VAL A 119 -3.39 -12.14 1.42
C VAL A 119 -4.19 -11.60 2.58
N TRP A 120 -5.44 -12.06 2.75
CA TRP A 120 -6.27 -11.59 3.83
C TRP A 120 -6.06 -12.49 5.02
N ASN A 121 -5.25 -13.57 4.85
CA ASN A 121 -5.03 -14.48 5.94
C ASN A 121 -3.85 -13.97 6.73
N TRP A 122 -4.13 -13.43 7.92
CA TRP A 122 -3.08 -12.92 8.76
C TRP A 122 -2.41 -14.12 9.47
N ALA A 1 17.77 20.65 -6.44
CA ALA A 1 16.35 20.26 -6.27
C ALA A 1 16.06 19.90 -4.83
N ASP A 2 16.96 19.08 -4.23
CA ASP A 2 16.79 18.67 -2.85
C ASP A 2 15.51 17.89 -2.74
N ALA A 3 15.30 16.94 -3.69
CA ALA A 3 14.10 16.15 -3.67
C ALA A 3 14.43 14.86 -4.35
N THR A 4 13.66 13.79 -4.00
CA THR A 4 13.90 12.50 -4.60
C THR A 4 12.56 12.00 -5.09
N ASP A 5 12.58 10.98 -5.97
CA ASP A 5 11.35 10.44 -6.49
C ASP A 5 10.97 9.24 -5.66
N ASP A 6 11.73 8.99 -4.56
CA ASP A 6 11.43 7.86 -3.72
C ASP A 6 10.56 8.34 -2.58
N TYR A 7 10.28 9.65 -2.53
CA TYR A 7 9.44 10.20 -1.50
C TYR A 7 8.54 11.28 -2.14
N PRO A 8 7.20 11.24 -1.97
CA PRO A 8 6.44 10.25 -1.20
C PRO A 8 6.36 8.89 -1.86
N ILE A 9 5.15 8.26 -1.83
CA ILE A 9 4.96 6.94 -2.40
C ILE A 9 5.60 6.93 -3.77
N PRO A 10 6.40 5.92 -4.05
CA PRO A 10 7.14 5.80 -5.31
C PRO A 10 6.29 5.92 -6.52
N ASN A 11 6.87 6.51 -7.58
CA ASN A 11 6.19 6.71 -8.83
C ASN A 11 5.77 5.37 -9.38
N ARG A 12 6.65 4.35 -9.22
CA ARG A 12 6.33 3.03 -9.73
C ARG A 12 5.11 2.49 -9.05
N ILE A 13 5.00 2.68 -7.71
CA ILE A 13 3.85 2.20 -6.97
C ILE A 13 2.65 3.04 -7.32
N MET A 14 2.85 4.37 -7.43
CA MET A 14 1.77 5.28 -7.71
C MET A 14 1.17 5.00 -9.08
N ARG A 15 2.01 4.76 -10.10
CA ARG A 15 1.49 4.57 -11.44
C ARG A 15 1.42 3.11 -11.81
N THR A 16 1.01 2.21 -10.87
CA THR A 16 0.89 0.82 -11.22
C THR A 16 -0.53 0.43 -10.92
N PRO A 17 -1.22 -0.06 -11.91
CA PRO A 17 -2.58 -0.50 -11.70
C PRO A 17 -2.63 -1.92 -11.25
N CYS A 18 -2.60 -2.12 -9.92
CA CYS A 18 -2.65 -3.46 -9.38
C CYS A 18 -3.52 -3.39 -8.17
N THR A 19 -4.21 -4.51 -7.85
CA THR A 19 -5.06 -4.54 -6.69
C THR A 19 -4.19 -4.66 -5.49
N ALA A 20 -4.78 -4.41 -4.31
CA ALA A 20 -4.06 -4.48 -3.06
C ALA A 20 -3.66 -5.90 -2.85
N GLU A 21 -4.57 -6.83 -3.15
CA GLU A 21 -4.29 -8.24 -2.97
C GLU A 21 -3.14 -8.61 -3.88
N GLN A 22 -3.12 -8.03 -5.09
CA GLN A 22 -2.09 -8.31 -6.05
C GLN A 22 -0.75 -7.84 -5.54
N ILE A 23 -0.69 -6.59 -5.03
CA ILE A 23 0.56 -6.04 -4.54
C ILE A 23 0.94 -6.73 -3.27
N MET A 24 -0.04 -7.01 -2.38
CA MET A 24 0.25 -7.66 -1.12
C MET A 24 0.82 -9.03 -1.38
N ALA A 25 0.28 -9.77 -2.39
CA ALA A 25 0.80 -11.09 -2.67
C ALA A 25 2.25 -10.97 -3.09
N ALA A 26 2.54 -9.95 -3.93
CA ALA A 26 3.90 -9.74 -4.39
C ALA A 26 4.78 -9.39 -3.22
N ALA A 27 4.24 -8.55 -2.31
CA ALA A 27 4.99 -8.11 -1.15
C ALA A 27 5.37 -9.28 -0.30
N ARG A 28 4.44 -10.26 -0.14
CA ARG A 28 4.70 -11.40 0.69
C ARG A 28 5.88 -12.18 0.13
N ASP A 29 5.91 -12.40 -1.19
CA ASP A 29 6.99 -13.14 -1.79
C ASP A 29 8.27 -12.32 -1.77
N VAL A 30 8.17 -11.02 -2.11
CA VAL A 30 9.35 -10.18 -2.18
C VAL A 30 9.98 -10.04 -0.81
N GLU A 31 9.20 -9.70 0.24
CA GLU A 31 9.76 -9.54 1.55
C GLU A 31 8.75 -10.01 2.57
N PRO A 32 8.83 -11.27 2.93
CA PRO A 32 7.90 -11.83 3.89
C PRO A 32 8.16 -11.35 5.29
N VAL A 33 9.41 -10.96 5.56
CA VAL A 33 9.78 -10.48 6.88
C VAL A 33 9.03 -9.21 7.17
N TYR A 34 9.04 -8.25 6.23
CA TYR A 34 8.34 -6.99 6.43
C TYR A 34 6.87 -7.21 6.29
N TYR A 35 6.49 -8.19 5.45
CA TYR A 35 5.09 -8.49 5.23
C TYR A 35 4.47 -8.91 6.54
N GLU A 36 5.17 -9.78 7.29
CA GLU A 36 4.67 -10.26 8.56
C GLU A 36 4.51 -9.11 9.53
N ARG A 37 5.44 -8.13 9.50
CA ARG A 37 5.35 -7.00 10.42
C ARG A 37 4.09 -6.24 10.12
N TYR A 38 3.78 -6.04 8.81
CA TYR A 38 2.58 -5.35 8.42
C TYR A 38 1.38 -6.10 8.94
N MET A 39 1.36 -7.44 8.73
CA MET A 39 0.23 -8.25 9.16
C MET A 39 0.08 -8.18 10.65
N THR A 40 1.20 -8.20 11.40
CA THR A 40 1.12 -8.16 12.84
C THR A 40 0.48 -6.87 13.25
N ASP A 41 0.87 -5.75 12.61
CA ASP A 41 0.32 -4.47 12.96
C ASP A 41 -1.11 -4.40 12.49
N TYR A 42 -1.38 -5.00 11.31
CA TYR A 42 -2.71 -4.99 10.73
C TYR A 42 -3.68 -5.65 11.67
N LYS A 43 -3.32 -6.84 12.20
CA LYS A 43 -4.20 -7.55 13.11
C LYS A 43 -4.29 -6.80 14.42
N ASN A 44 -3.29 -5.95 14.72
CA ASN A 44 -3.28 -5.21 15.96
C ASN A 44 -4.34 -4.14 15.93
N LYS A 45 -4.73 -3.67 14.72
CA LYS A 45 -5.72 -2.63 14.65
C LYS A 45 -7.07 -3.27 14.81
N PRO A 46 -8.03 -2.52 15.32
CA PRO A 46 -9.39 -3.02 15.47
C PRO A 46 -9.98 -3.41 14.16
N PRO A 47 -10.95 -4.30 14.13
CA PRO A 47 -11.58 -4.74 12.89
C PRO A 47 -12.06 -3.59 12.04
N HIS A 48 -12.53 -2.51 12.70
CA HIS A 48 -13.02 -1.35 11.99
C HIS A 48 -11.88 -0.75 11.19
N VAL A 49 -10.67 -0.63 11.79
CA VAL A 49 -9.56 -0.02 11.10
C VAL A 49 -9.09 -0.97 10.04
N GLN A 50 -9.09 -2.29 10.33
CA GLN A 50 -8.65 -3.27 9.37
C GLN A 50 -9.52 -3.18 8.14
N GLN A 51 -10.86 -3.09 8.36
CA GLN A 51 -11.77 -2.99 7.26
C GLN A 51 -11.62 -1.64 6.60
N ALA A 52 -11.43 -0.59 7.43
CA ALA A 52 -11.29 0.76 6.92
C ALA A 52 -10.07 0.86 6.03
N ALA A 53 -8.94 0.26 6.45
CA ALA A 53 -7.72 0.34 5.69
C ALA A 53 -7.89 -0.41 4.40
N ARG A 54 -8.54 -1.59 4.48
CA ARG A 54 -8.75 -2.40 3.31
C ARG A 54 -9.68 -1.68 2.36
N ASP A 55 -10.75 -1.06 2.88
CA ASP A 55 -11.68 -0.37 2.02
C ASP A 55 -10.98 0.80 1.38
N ARG A 56 -10.13 1.50 2.17
CA ARG A 56 -9.45 2.66 1.66
C ARG A 56 -8.49 2.28 0.54
N ILE A 57 -7.76 1.15 0.67
CA ILE A 57 -6.80 0.78 -0.36
C ILE A 57 -7.56 0.30 -1.56
N HIS A 58 -8.75 -0.28 -1.34
CA HIS A 58 -9.56 -0.79 -2.42
C HIS A 58 -10.07 0.39 -3.19
N TRP A 59 -10.46 1.45 -2.46
CA TRP A 59 -11.00 2.65 -3.06
C TRP A 59 -9.95 3.26 -3.95
N PHE A 60 -8.68 3.32 -3.48
CA PHE A 60 -7.63 3.92 -4.26
C PHE A 60 -7.43 3.13 -5.52
N PHE A 61 -7.47 1.77 -5.44
CA PHE A 61 -7.33 0.95 -6.63
C PHE A 61 -8.43 1.27 -7.61
N SER A 62 -9.68 1.44 -7.11
CA SER A 62 -10.80 1.70 -8.00
C SER A 62 -10.56 2.97 -8.80
N MET A 63 -10.09 4.06 -8.15
CA MET A 63 -9.83 5.28 -8.88
C MET A 63 -8.60 5.08 -9.73
N ASP A 64 -7.61 4.35 -9.16
CA ASP A 64 -6.40 4.03 -9.86
C ASP A 64 -5.50 5.25 -9.95
N TYR A 65 -5.36 5.82 -11.17
CA TYR A 65 -4.50 6.94 -11.37
C TYR A 65 -4.93 8.09 -10.49
N ALA A 66 -6.23 8.42 -10.53
CA ALA A 66 -6.73 9.53 -9.76
C ALA A 66 -6.56 9.31 -8.28
N GLY A 67 -6.84 8.07 -7.80
CA GLY A 67 -6.75 7.81 -6.37
C GLY A 67 -5.31 7.81 -5.92
N ARG A 68 -4.43 7.14 -6.68
CA ARG A 68 -3.05 7.04 -6.29
C ARG A 68 -2.39 8.39 -6.38
N ARG A 69 -2.72 9.19 -7.42
CA ARG A 69 -2.13 10.50 -7.57
C ARG A 69 -2.50 11.36 -6.39
N GLN A 70 -3.79 11.37 -6.01
CA GLN A 70 -4.23 12.18 -4.91
C GLN A 70 -3.62 11.69 -3.63
N TYR A 71 -3.52 10.36 -3.46
CA TYR A 71 -2.94 9.82 -2.25
C TYR A 71 -1.52 10.30 -2.13
N SER A 72 -0.74 10.19 -3.22
CA SER A 72 0.65 10.60 -3.18
C SER A 72 0.75 12.09 -2.98
N GLU A 73 -0.12 12.86 -3.67
CA GLU A 73 -0.06 14.30 -3.56
C GLU A 73 -0.49 14.75 -2.18
N ASN A 74 -1.59 14.17 -1.66
CA ASN A 74 -2.08 14.57 -0.35
C ASN A 74 -1.06 14.25 0.72
N THR A 75 -0.43 13.06 0.64
CA THR A 75 0.54 12.68 1.66
C THR A 75 1.78 13.52 1.52
N ALA A 76 2.11 13.96 0.28
CA ALA A 76 3.28 14.77 0.07
C ALA A 76 3.09 16.08 0.80
N THR A 77 1.86 16.63 0.75
CA THR A 77 1.60 17.90 1.42
C THR A 77 1.58 17.67 2.90
N ASP A 78 0.83 16.66 3.37
CA ASP A 78 0.77 16.41 4.78
C ASP A 78 0.30 15.00 4.97
N ALA A 79 1.09 14.17 5.67
CA ALA A 79 0.73 12.79 5.91
C ALA A 79 -0.52 12.75 6.75
N PHE A 80 -0.64 13.70 7.71
CA PHE A 80 -1.79 13.74 8.59
C PHE A 80 -3.04 14.09 7.82
N PHE A 81 -2.88 14.60 6.56
CA PHE A 81 -4.04 14.96 5.76
C PHE A 81 -4.85 13.73 5.52
N GLU A 82 -4.17 12.57 5.31
CA GLU A 82 -4.87 11.33 5.06
C GLU A 82 -5.73 11.03 6.26
N GLN A 83 -7.03 10.78 6.01
CA GLN A 83 -7.98 10.51 7.08
C GLN A 83 -7.62 9.24 7.80
N LEU A 84 -7.13 8.22 7.08
CA LEU A 84 -6.78 6.97 7.71
C LEU A 84 -5.65 7.18 8.67
N ALA A 85 -4.78 8.17 8.42
CA ALA A 85 -3.65 8.44 9.28
C ALA A 85 -4.17 8.90 10.62
N TRP A 86 -5.46 9.32 10.66
CA TRP A 86 -6.04 9.80 11.89
C TRP A 86 -6.20 8.64 12.82
N MET A 87 -6.55 7.46 12.27
CA MET A 87 -6.76 6.30 13.11
C MET A 87 -5.48 5.52 13.20
N TRP A 88 -4.75 5.37 12.07
CA TRP A 88 -3.52 4.62 12.11
C TRP A 88 -2.67 5.07 10.95
N PRO A 89 -1.51 5.62 11.24
CA PRO A 89 -0.62 6.13 10.20
C PRO A 89 0.17 5.05 9.51
N ASN A 90 0.10 3.80 10.02
CA ASN A 90 0.85 2.71 9.43
C ASN A 90 -0.14 1.81 8.76
N TRP A 91 -1.33 2.35 8.41
CA TRP A 91 -2.36 1.57 7.78
C TRP A 91 -1.83 1.00 6.48
N ALA A 92 -0.89 1.71 5.81
CA ALA A 92 -0.34 1.21 4.58
C ALA A 92 1.15 1.24 4.71
N LYS A 93 1.69 0.53 5.72
CA LYS A 93 3.12 0.49 5.93
C LYS A 93 3.74 -0.32 4.82
N LEU A 94 3.06 -1.42 4.46
CA LEU A 94 3.55 -2.33 3.46
C LEU A 94 3.65 -1.64 2.11
N PHE A 95 2.63 -0.83 1.75
CA PHE A 95 2.65 -0.17 0.46
C PHE A 95 3.67 0.93 0.48
N PHE A 96 3.84 1.61 1.63
CA PHE A 96 4.80 2.68 1.71
C PHE A 96 6.16 2.06 1.93
N ASN A 97 6.77 1.58 0.82
CA ASN A 97 8.06 0.97 0.89
C ASN A 97 8.81 1.54 -0.27
N ASN A 98 10.02 2.07 -0.03
CA ASN A 98 10.77 2.71 -1.07
C ASN A 98 11.98 1.90 -1.41
N LYS A 99 12.07 0.68 -0.89
CA LYS A 99 13.21 -0.14 -1.20
C LYS A 99 12.94 -0.74 -2.55
N GLY A 100 13.66 -1.83 -2.86
CA GLY A 100 13.51 -2.53 -4.11
C GLY A 100 12.09 -3.04 -4.21
N VAL A 101 11.36 -2.96 -3.07
CA VAL A 101 10.00 -3.41 -3.00
C VAL A 101 9.17 -2.67 -4.02
N ALA A 102 9.37 -1.34 -4.16
CA ALA A 102 8.58 -0.59 -5.10
C ALA A 102 8.77 -1.11 -6.51
N ALA A 103 10.03 -1.38 -6.90
CA ALA A 103 10.28 -1.85 -8.25
C ALA A 103 9.82 -3.27 -8.42
N ASN A 104 10.12 -4.13 -7.42
CA ASN A 104 9.77 -5.53 -7.52
C ASN A 104 8.28 -5.75 -7.50
N THR A 105 7.53 -5.02 -6.64
CA THR A 105 6.09 -5.25 -6.56
C THR A 105 5.42 -4.76 -7.80
N THR A 106 5.86 -3.62 -8.36
CA THR A 106 5.23 -3.09 -9.54
C THR A 106 5.46 -4.03 -10.70
N ASP A 107 6.66 -4.60 -10.80
CA ASP A 107 7.00 -5.46 -11.90
C ASP A 107 6.38 -6.84 -11.76
N VAL A 108 5.72 -7.18 -10.61
CA VAL A 108 5.20 -8.54 -10.49
C VAL A 108 3.77 -8.53 -10.03
N CYS A 109 3.25 -7.38 -9.59
CA CYS A 109 1.86 -7.34 -9.12
C CYS A 109 0.97 -7.54 -10.31
N GLU A 110 1.53 -7.37 -11.51
CA GLU A 110 0.79 -7.53 -12.72
C GLU A 110 0.67 -8.98 -13.06
N GLN A 111 1.39 -9.87 -12.35
CA GLN A 111 1.32 -11.28 -12.67
C GLN A 111 0.50 -12.01 -11.63
N TYR A 112 0.50 -11.52 -10.38
CA TYR A 112 -0.27 -12.19 -9.35
C TYR A 112 -1.73 -11.91 -9.56
N PRO A 113 -2.57 -12.83 -9.11
CA PRO A 113 -4.01 -12.68 -9.23
C PRO A 113 -4.61 -11.79 -8.17
N PRO A 114 -5.70 -11.14 -8.47
CA PRO A 114 -6.38 -10.25 -7.53
C PRO A 114 -7.29 -10.97 -6.59
N ASP A 115 -7.47 -12.29 -6.80
CA ASP A 115 -8.36 -13.06 -5.98
C ASP A 115 -7.57 -13.79 -4.94
N ASP A 116 -6.34 -13.33 -4.65
CA ASP A 116 -5.53 -13.99 -3.66
C ASP A 116 -5.98 -13.47 -2.33
N MET A 117 -6.84 -14.24 -1.63
CA MET A 117 -7.35 -13.81 -0.35
C MET A 117 -6.44 -14.31 0.73
N SER A 118 -5.37 -15.05 0.36
CA SER A 118 -4.46 -15.57 1.35
C SER A 118 -3.59 -14.45 1.82
N VAL A 119 -3.67 -13.27 1.16
CA VAL A 119 -2.88 -12.14 1.55
C VAL A 119 -3.48 -11.55 2.81
N TRP A 120 -4.78 -11.80 3.04
CA TRP A 120 -5.41 -11.24 4.22
C TRP A 120 -5.31 -12.23 5.35
N ASN A 121 -5.23 -13.54 5.03
CA ASN A 121 -5.14 -14.53 6.06
C ASN A 121 -4.06 -15.50 5.67
N TRP A 122 -2.90 -15.42 6.34
CA TRP A 122 -1.82 -16.32 6.05
C TRP A 122 -2.14 -17.68 6.67
N ALA A 1 17.29 16.44 -8.42
CA ALA A 1 17.59 15.11 -7.83
C ALA A 1 18.22 15.26 -6.47
N ASP A 2 17.72 16.23 -5.67
CA ASP A 2 18.26 16.45 -4.36
C ASP A 2 17.31 15.87 -3.36
N ALA A 3 16.43 14.98 -3.84
CA ALA A 3 15.46 14.36 -2.97
C ALA A 3 15.12 13.04 -3.57
N THR A 4 14.73 12.07 -2.73
CA THR A 4 14.38 10.76 -3.22
C THR A 4 12.94 10.80 -3.65
N ASP A 5 12.53 9.78 -4.43
CA ASP A 5 11.17 9.73 -4.92
C ASP A 5 10.45 8.65 -4.16
N ASP A 6 11.08 8.14 -3.07
CA ASP A 6 10.47 7.09 -2.29
C ASP A 6 9.51 7.73 -1.33
N TYR A 7 9.63 9.06 -1.15
CA TYR A 7 8.76 9.78 -0.26
C TYR A 7 8.31 11.07 -0.97
N PRO A 8 6.99 11.37 -1.08
CA PRO A 8 5.88 10.57 -0.53
C PRO A 8 5.61 9.31 -1.32
N ILE A 9 4.32 8.99 -1.54
CA ILE A 9 3.95 7.78 -2.26
C ILE A 9 4.76 7.72 -3.53
N PRO A 10 5.46 6.61 -3.72
CA PRO A 10 6.32 6.43 -4.89
C PRO A 10 5.58 6.49 -6.20
N ASN A 11 6.27 7.08 -7.20
CA ASN A 11 5.71 7.23 -8.53
C ASN A 11 5.43 5.88 -9.13
N ARG A 12 6.30 4.89 -8.85
CA ARG A 12 6.11 3.57 -9.44
C ARG A 12 4.81 2.98 -8.98
N ILE A 13 4.45 3.16 -7.68
CA ILE A 13 3.20 2.62 -7.17
C ILE A 13 2.07 3.35 -7.84
N MET A 14 2.23 4.67 -8.05
CA MET A 14 1.18 5.48 -8.65
C MET A 14 0.86 4.97 -10.04
N ARG A 15 1.89 4.56 -10.81
CA ARG A 15 1.64 4.13 -12.17
C ARG A 15 1.73 2.62 -12.27
N THR A 16 1.25 1.86 -11.25
CA THR A 16 1.28 0.42 -11.35
C THR A 16 -0.14 -0.04 -11.18
N PRO A 17 -0.70 -0.65 -12.21
CA PRO A 17 -2.04 -1.12 -12.10
C PRO A 17 -2.09 -2.52 -11.55
N CYS A 18 -2.22 -2.62 -10.21
CA CYS A 18 -2.29 -3.90 -9.57
C CYS A 18 -3.27 -3.78 -8.45
N THR A 19 -4.00 -4.87 -8.17
CA THR A 19 -4.96 -4.86 -7.09
C THR A 19 -4.22 -5.04 -5.80
N ALA A 20 -4.93 -4.84 -4.68
CA ALA A 20 -4.35 -4.97 -3.37
C ALA A 20 -3.95 -6.39 -3.18
N GLU A 21 -4.82 -7.31 -3.62
CA GLU A 21 -4.55 -8.72 -3.48
C GLU A 21 -3.32 -9.06 -4.29
N GLN A 22 -3.20 -8.42 -5.46
CA GLN A 22 -2.08 -8.66 -6.34
C GLN A 22 -0.80 -8.19 -5.70
N ILE A 23 -0.77 -6.94 -5.18
CA ILE A 23 0.44 -6.41 -4.59
C ILE A 23 0.72 -7.10 -3.30
N MET A 24 -0.31 -7.35 -2.48
CA MET A 24 -0.11 -7.99 -1.20
C MET A 24 0.45 -9.38 -1.41
N ALA A 25 -0.07 -10.12 -2.41
CA ALA A 25 0.41 -11.47 -2.65
C ALA A 25 1.84 -11.43 -3.09
N ALA A 26 2.18 -10.51 -4.01
CA ALA A 26 3.53 -10.42 -4.51
C ALA A 26 4.44 -9.99 -3.40
N ALA A 27 3.98 -9.03 -2.58
CA ALA A 27 4.78 -8.52 -1.48
C ALA A 27 5.07 -9.62 -0.50
N ARG A 28 4.10 -10.51 -0.26
CA ARG A 28 4.31 -11.58 0.69
C ARG A 28 5.46 -12.45 0.23
N ASP A 29 5.46 -12.82 -1.07
CA ASP A 29 6.50 -13.68 -1.58
C ASP A 29 7.81 -12.92 -1.67
N VAL A 30 7.78 -11.68 -2.20
CA VAL A 30 9.00 -10.92 -2.37
C VAL A 30 9.60 -10.54 -1.03
N GLU A 31 8.79 -10.00 -0.10
CA GLU A 31 9.31 -9.59 1.19
C GLU A 31 8.43 -10.13 2.26
N PRO A 32 8.64 -11.37 2.64
CA PRO A 32 7.83 -12.00 3.67
C PRO A 32 8.13 -11.45 5.04
N VAL A 33 9.37 -10.97 5.22
CA VAL A 33 9.77 -10.43 6.50
C VAL A 33 8.97 -9.17 6.76
N TYR A 34 8.88 -8.28 5.75
CA TYR A 34 8.15 -7.04 5.92
C TYR A 34 6.68 -7.35 5.95
N TYR A 35 6.26 -8.38 5.20
CA TYR A 35 4.85 -8.73 5.15
C TYR A 35 4.39 -9.15 6.52
N GLU A 36 5.23 -9.92 7.23
CA GLU A 36 4.88 -10.38 8.55
C GLU A 36 4.71 -9.19 9.47
N ARG A 37 5.56 -8.15 9.30
CA ARG A 37 5.46 -6.98 10.15
C ARG A 37 4.12 -6.32 9.89
N TYR A 38 3.69 -6.26 8.61
CA TYR A 38 2.42 -5.65 8.28
C TYR A 38 1.32 -6.45 8.91
N MET A 39 1.36 -7.79 8.76
CA MET A 39 0.31 -8.64 9.29
C MET A 39 0.26 -8.53 10.80
N THR A 40 1.43 -8.47 11.45
CA THR A 40 1.47 -8.39 12.91
C THR A 40 0.80 -7.11 13.34
N ASP A 41 1.15 -5.98 12.69
CA ASP A 41 0.58 -4.70 13.07
C ASP A 41 -0.86 -4.64 12.59
N TYR A 42 -1.17 -5.34 11.48
CA TYR A 42 -2.50 -5.35 10.92
C TYR A 42 -3.46 -5.91 11.93
N LYS A 43 -3.10 -7.06 12.55
CA LYS A 43 -3.98 -7.66 13.53
C LYS A 43 -3.98 -6.82 14.80
N ASN A 44 -2.91 -6.02 14.99
CA ASN A 44 -2.80 -5.20 16.17
C ASN A 44 -3.81 -4.08 16.14
N LYS A 45 -4.13 -3.53 14.94
CA LYS A 45 -5.06 -2.43 14.88
C LYS A 45 -6.44 -3.00 14.90
N PRO A 46 -7.40 -2.20 15.33
CA PRO A 46 -8.79 -2.62 15.39
C PRO A 46 -9.32 -3.02 14.04
N PRO A 47 -10.31 -3.90 14.00
CA PRO A 47 -10.88 -4.35 12.74
C PRO A 47 -11.45 -3.24 11.92
N HIS A 48 -11.82 -2.13 12.60
CA HIS A 48 -12.37 -1.00 11.91
C HIS A 48 -11.28 -0.36 11.08
N VAL A 49 -10.02 -0.36 11.60
CA VAL A 49 -8.94 0.25 10.88
C VAL A 49 -8.45 -0.74 9.87
N GLN A 50 -8.51 -2.05 10.22
CA GLN A 50 -8.06 -3.08 9.31
C GLN A 50 -8.91 -3.02 8.07
N GLN A 51 -10.23 -2.88 8.24
CA GLN A 51 -11.13 -2.78 7.11
C GLN A 51 -10.93 -1.46 6.45
N ALA A 52 -10.68 -0.39 7.25
CA ALA A 52 -10.50 0.93 6.71
C ALA A 52 -9.30 0.95 5.80
N ALA A 53 -8.20 0.28 6.21
CA ALA A 53 -6.99 0.27 5.42
C ALA A 53 -7.26 -0.46 4.13
N ARG A 54 -8.02 -1.57 4.24
CA ARG A 54 -8.36 -2.37 3.09
C ARG A 54 -9.20 -1.54 2.15
N ASP A 55 -10.18 -0.79 2.70
CA ASP A 55 -11.07 0.01 1.89
C ASP A 55 -10.27 1.07 1.17
N ARG A 56 -9.28 1.69 1.85
CA ARG A 56 -8.50 2.73 1.22
C ARG A 56 -7.71 2.17 0.07
N ILE A 57 -7.15 0.95 0.20
CA ILE A 57 -6.36 0.40 -0.89
C ILE A 57 -7.29 0.09 -2.02
N HIS A 58 -8.48 -0.44 -1.69
CA HIS A 58 -9.45 -0.79 -2.69
C HIS A 58 -9.86 0.46 -3.42
N TRP A 59 -10.07 1.55 -2.65
CA TRP A 59 -10.47 2.81 -3.23
C TRP A 59 -9.35 3.32 -4.11
N PHE A 60 -8.09 3.16 -3.63
CA PHE A 60 -6.94 3.63 -4.39
C PHE A 60 -6.91 2.91 -5.72
N PHE A 61 -7.10 1.57 -5.71
CA PHE A 61 -7.08 0.81 -6.94
C PHE A 61 -8.24 1.19 -7.82
N SER A 62 -9.43 1.43 -7.22
CA SER A 62 -10.61 1.76 -8.02
C SER A 62 -10.36 3.00 -8.84
N MET A 63 -9.86 4.10 -8.22
CA MET A 63 -9.61 5.31 -8.98
C MET A 63 -8.33 5.12 -9.75
N ASP A 64 -7.38 4.40 -9.14
CA ASP A 64 -6.11 4.10 -9.74
C ASP A 64 -5.27 5.35 -9.72
N TYR A 65 -4.68 5.71 -10.88
CA TYR A 65 -3.82 6.86 -10.96
C TYR A 65 -4.61 8.09 -10.59
N ALA A 66 -5.90 8.13 -10.95
CA ALA A 66 -6.72 9.29 -10.68
C ALA A 66 -6.79 9.57 -9.20
N GLY A 67 -6.93 8.52 -8.36
CA GLY A 67 -7.05 8.75 -6.94
C GLY A 67 -5.70 8.82 -6.32
N ARG A 68 -4.77 7.96 -6.77
CA ARG A 68 -3.44 7.92 -6.20
C ARG A 68 -2.75 9.23 -6.42
N ARG A 69 -2.97 9.87 -7.59
CA ARG A 69 -2.32 11.14 -7.86
C ARG A 69 -2.76 12.15 -6.83
N GLN A 70 -4.08 12.22 -6.55
CA GLN A 70 -4.57 13.19 -5.59
C GLN A 70 -4.09 12.85 -4.21
N TYR A 71 -4.07 11.55 -3.84
CA TYR A 71 -3.62 11.18 -2.52
C TYR A 71 -2.14 11.48 -2.41
N SER A 72 -1.38 11.23 -3.49
CA SER A 72 0.04 11.48 -3.46
C SER A 72 0.27 12.96 -3.32
N GLU A 73 -0.51 13.77 -4.05
CA GLU A 73 -0.37 15.20 -3.99
C GLU A 73 -0.82 15.69 -2.64
N ASN A 74 -1.96 15.18 -2.15
CA ASN A 74 -2.47 15.61 -0.87
C ASN A 74 -1.51 15.24 0.24
N THR A 75 -0.91 14.03 0.17
CA THR A 75 0.02 13.61 1.21
C THR A 75 1.28 14.42 1.11
N ALA A 76 1.65 14.83 -0.13
CA ALA A 76 2.83 15.63 -0.31
C ALA A 76 2.64 16.94 0.39
N THR A 77 1.41 17.50 0.30
CA THR A 77 1.12 18.77 0.92
C THR A 77 1.05 18.58 2.42
N ASP A 78 0.38 17.50 2.87
CA ASP A 78 0.26 17.25 4.29
C ASP A 78 0.16 15.76 4.46
N ALA A 79 1.17 15.18 5.13
CA ALA A 79 1.20 13.74 5.35
C ALA A 79 0.02 13.34 6.19
N PHE A 80 -0.35 14.19 7.18
CA PHE A 80 -1.46 13.86 8.07
C PHE A 80 -2.77 14.20 7.41
N PHE A 81 -2.78 14.36 6.06
CA PHE A 81 -4.00 14.67 5.36
C PHE A 81 -4.89 13.46 5.40
N GLU A 82 -4.28 12.26 5.25
CA GLU A 82 -5.03 11.04 5.25
C GLU A 82 -5.65 10.87 6.61
N GLN A 83 -6.97 10.60 6.64
CA GLN A 83 -7.68 10.45 7.89
C GLN A 83 -7.34 9.11 8.49
N LEU A 84 -6.68 8.23 7.72
CA LEU A 84 -6.32 6.93 8.24
C LEU A 84 -5.12 7.12 9.11
N ALA A 85 -4.26 8.12 8.79
CA ALA A 85 -3.08 8.36 9.58
C ALA A 85 -3.51 8.82 10.94
N TRP A 86 -4.76 9.32 11.04
CA TRP A 86 -5.27 9.79 12.31
C TRP A 86 -5.49 8.61 13.22
N MET A 87 -5.96 7.48 12.65
CA MET A 87 -6.22 6.32 13.46
C MET A 87 -4.98 5.47 13.53
N TRP A 88 -4.27 5.29 12.39
CA TRP A 88 -3.10 4.47 12.40
C TRP A 88 -2.26 4.87 11.21
N PRO A 89 -1.06 5.35 11.48
CA PRO A 89 -0.16 5.82 10.43
C PRO A 89 0.56 4.70 9.70
N ASN A 90 0.42 3.46 10.20
CA ASN A 90 1.10 2.34 9.58
C ASN A 90 0.08 1.55 8.82
N TRP A 91 -1.06 2.18 8.46
CA TRP A 91 -2.10 1.50 7.75
C TRP A 91 -1.56 0.97 6.43
N ALA A 92 -0.57 1.68 5.85
CA ALA A 92 0.00 1.22 4.60
C ALA A 92 1.49 1.16 4.80
N LYS A 93 1.93 0.33 5.78
CA LYS A 93 3.34 0.20 6.07
C LYS A 93 3.99 -0.56 4.95
N LEU A 94 3.34 -1.64 4.48
CA LEU A 94 3.90 -2.46 3.44
C LEU A 94 3.99 -1.70 2.14
N PHE A 95 2.94 -0.92 1.81
CA PHE A 95 2.91 -0.22 0.54
C PHE A 95 3.89 0.93 0.52
N PHE A 96 4.00 1.72 1.62
CA PHE A 96 4.90 2.85 1.58
C PHE A 96 5.88 2.75 2.72
N ASN A 97 7.16 2.45 2.38
CA ASN A 97 8.17 2.36 3.39
C ASN A 97 9.50 2.48 2.69
N ASN A 98 9.82 1.47 1.85
CA ASN A 98 11.07 1.48 1.11
C ASN A 98 10.67 1.16 -0.30
N LYS A 99 11.56 1.42 -1.29
CA LYS A 99 11.20 1.12 -2.64
C LYS A 99 11.52 -0.32 -2.93
N GLY A 100 11.03 -1.21 -2.04
CA GLY A 100 11.21 -2.63 -2.24
C GLY A 100 10.00 -3.06 -2.97
N VAL A 101 8.83 -2.75 -2.38
CA VAL A 101 7.56 -3.07 -2.95
C VAL A 101 7.35 -2.25 -4.18
N ALA A 102 7.73 -0.96 -4.13
CA ALA A 102 7.54 -0.09 -5.26
C ALA A 102 8.31 -0.61 -6.45
N ALA A 103 9.52 -1.18 -6.23
CA ALA A 103 10.34 -1.63 -7.32
C ALA A 103 10.05 -3.08 -7.69
N ASN A 104 10.36 -4.00 -6.75
CA ASN A 104 10.23 -5.43 -7.02
C ASN A 104 8.80 -5.89 -7.10
N THR A 105 7.93 -5.44 -6.18
CA THR A 105 6.57 -5.92 -6.17
C THR A 105 5.82 -5.45 -7.39
N THR A 106 6.06 -4.19 -7.82
CA THR A 106 5.34 -3.68 -8.98
C THR A 106 5.73 -4.45 -10.21
N ASP A 107 6.90 -5.11 -10.16
CA ASP A 107 7.38 -5.85 -11.30
C ASP A 107 6.79 -7.25 -11.29
N VAL A 108 6.06 -7.65 -10.21
CA VAL A 108 5.56 -9.01 -10.18
C VAL A 108 4.09 -9.03 -9.81
N CYS A 109 3.55 -7.90 -9.32
CA CYS A 109 2.15 -7.86 -8.95
C CYS A 109 1.33 -8.01 -10.19
N GLU A 110 1.96 -7.72 -11.34
CA GLU A 110 1.29 -7.81 -12.61
C GLU A 110 1.16 -9.27 -13.01
N GLN A 111 1.83 -10.19 -12.28
CA GLN A 111 1.76 -11.58 -12.66
C GLN A 111 0.87 -12.34 -11.70
N TYR A 112 0.80 -11.90 -10.42
CA TYR A 112 -0.03 -12.59 -9.46
C TYR A 112 -1.48 -12.28 -9.74
N PRO A 113 -2.35 -13.19 -9.35
CA PRO A 113 -3.78 -13.02 -9.55
C PRO A 113 -4.43 -12.12 -8.52
N PRO A 114 -5.51 -11.46 -8.90
CA PRO A 114 -6.24 -10.57 -8.00
C PRO A 114 -7.24 -11.27 -7.13
N ASP A 115 -7.41 -12.58 -7.32
CA ASP A 115 -8.38 -13.33 -6.57
C ASP A 115 -7.72 -13.95 -5.37
N ASP A 116 -6.46 -13.56 -5.09
CA ASP A 116 -5.77 -14.12 -3.97
C ASP A 116 -6.20 -13.33 -2.75
N MET A 117 -7.40 -13.63 -2.22
CA MET A 117 -7.92 -12.93 -1.07
C MET A 117 -7.34 -13.55 0.17
N SER A 118 -6.51 -14.61 0.00
CA SER A 118 -5.91 -15.26 1.14
C SER A 118 -4.83 -14.37 1.69
N VAL A 119 -4.52 -13.27 0.96
CA VAL A 119 -3.49 -12.36 1.41
C VAL A 119 -4.00 -11.61 2.61
N TRP A 120 -5.34 -11.51 2.74
CA TRP A 120 -5.91 -10.77 3.85
C TRP A 120 -5.98 -11.67 5.06
N ASN A 121 -6.08 -13.00 4.84
CA ASN A 121 -6.16 -13.91 5.96
C ASN A 121 -4.88 -14.68 6.04
N TRP A 122 -3.94 -14.23 6.89
CA TRP A 122 -2.69 -14.92 7.03
C TRP A 122 -2.88 -16.06 8.04
N ALA A 1 9.48 20.64 -6.27
CA ALA A 1 10.74 20.55 -7.04
C ALA A 1 11.61 19.44 -6.51
N ASP A 2 11.69 19.31 -5.17
CA ASP A 2 12.50 18.27 -4.58
C ASP A 2 11.60 17.08 -4.39
N ALA A 3 11.77 16.07 -5.26
CA ALA A 3 10.96 14.89 -5.16
C ALA A 3 11.78 13.74 -5.68
N THR A 4 11.50 12.52 -5.17
CA THR A 4 12.22 11.36 -5.59
C THR A 4 11.21 10.30 -5.90
N ASP A 5 11.65 9.20 -6.53
CA ASP A 5 10.74 8.13 -6.86
C ASP A 5 10.33 7.43 -5.58
N ASP A 6 11.28 7.24 -4.64
CA ASP A 6 10.98 6.55 -3.40
C ASP A 6 10.09 7.40 -2.53
N TYR A 7 10.34 8.72 -2.48
CA TYR A 7 9.54 9.61 -1.65
C TYR A 7 9.03 10.78 -2.50
N PRO A 8 7.73 11.15 -2.47
CA PRO A 8 6.69 10.53 -1.63
C PRO A 8 6.24 9.18 -2.12
N ILE A 9 4.91 8.89 -2.05
CA ILE A 9 4.38 7.59 -2.43
C ILE A 9 4.96 7.24 -3.79
N PRO A 10 5.54 6.05 -3.87
CA PRO A 10 6.19 5.58 -5.09
C PRO A 10 5.35 5.64 -6.31
N ASN A 11 5.94 6.20 -7.39
CA ASN A 11 5.25 6.33 -8.63
C ASN A 11 5.05 4.95 -9.22
N ARG A 12 6.03 4.05 -9.02
CA ARG A 12 5.94 2.72 -9.57
C ARG A 12 4.76 1.99 -8.96
N ILE A 13 4.53 2.17 -7.64
CA ILE A 13 3.42 1.51 -6.99
C ILE A 13 2.12 2.10 -7.49
N MET A 14 2.05 3.43 -7.61
CA MET A 14 0.83 4.08 -8.05
C MET A 14 0.54 3.80 -9.50
N ARG A 15 1.57 3.79 -10.36
CA ARG A 15 1.34 3.62 -11.78
C ARG A 15 1.47 2.16 -12.18
N THR A 16 0.95 1.24 -11.35
CA THR A 16 1.02 -0.16 -11.71
C THR A 16 -0.39 -0.64 -11.68
N PRO A 17 -0.80 -1.35 -12.69
CA PRO A 17 -2.14 -1.86 -12.70
C PRO A 17 -2.20 -3.18 -12.00
N CYS A 18 -2.45 -3.13 -10.68
CA CYS A 18 -2.53 -4.31 -9.89
C CYS A 18 -3.43 -3.97 -8.73
N THR A 19 -4.21 -4.94 -8.24
CA THR A 19 -5.07 -4.65 -7.11
C THR A 19 -4.21 -4.71 -5.88
N ALA A 20 -4.73 -4.22 -4.75
CA ALA A 20 -3.97 -4.23 -3.51
C ALA A 20 -3.68 -5.65 -3.15
N GLU A 21 -4.68 -6.52 -3.32
CA GLU A 21 -4.52 -7.92 -3.00
C GLU A 21 -3.45 -8.51 -3.89
N GLN A 22 -3.44 -8.10 -5.17
CA GLN A 22 -2.50 -8.61 -6.11
C GLN A 22 -1.10 -8.20 -5.71
N ILE A 23 -0.92 -6.92 -5.29
CA ILE A 23 0.38 -6.44 -4.89
C ILE A 23 0.78 -7.09 -3.60
N MET A 24 -0.18 -7.23 -2.66
CA MET A 24 0.10 -7.82 -1.37
C MET A 24 0.57 -9.24 -1.54
N ALA A 25 -0.02 -10.00 -2.48
CA ALA A 25 0.39 -11.38 -2.68
C ALA A 25 1.83 -11.40 -3.12
N ALA A 26 2.20 -10.48 -4.05
CA ALA A 26 3.55 -10.41 -4.53
C ALA A 26 4.47 -10.00 -3.41
N ALA A 27 3.99 -9.04 -2.59
CA ALA A 27 4.77 -8.52 -1.48
C ALA A 27 5.11 -9.62 -0.51
N ARG A 28 4.17 -10.55 -0.26
CA ARG A 28 4.42 -11.61 0.69
C ARG A 28 5.60 -12.42 0.24
N ASP A 29 5.65 -12.81 -1.04
CA ASP A 29 6.75 -13.63 -1.52
C ASP A 29 8.00 -12.81 -1.63
N VAL A 30 7.91 -11.57 -2.17
CA VAL A 30 9.09 -10.75 -2.37
C VAL A 30 9.73 -10.40 -1.04
N GLU A 31 8.94 -9.91 -0.06
CA GLU A 31 9.52 -9.53 1.21
C GLU A 31 8.61 -10.02 2.30
N PRO A 32 8.81 -11.25 2.71
CA PRO A 32 7.99 -11.85 3.75
C PRO A 32 8.28 -11.26 5.09
N VAL A 33 9.53 -10.80 5.29
CA VAL A 33 9.93 -10.24 6.56
C VAL A 33 9.14 -8.97 6.79
N TYR A 34 9.09 -8.07 5.76
CA TYR A 34 8.37 -6.83 5.91
C TYR A 34 6.89 -7.10 5.87
N TYR A 35 6.47 -8.11 5.08
CA TYR A 35 5.07 -8.43 4.96
C TYR A 35 4.55 -8.87 6.30
N GLU A 36 5.32 -9.73 7.01
CA GLU A 36 4.89 -10.23 8.30
C GLU A 36 4.75 -9.09 9.27
N ARG A 37 5.66 -8.10 9.22
CA ARG A 37 5.58 -6.98 10.12
C ARG A 37 4.27 -6.25 9.88
N TYR A 38 3.96 -5.99 8.60
CA TYR A 38 2.72 -5.31 8.25
C TYR A 38 1.55 -6.14 8.71
N MET A 39 1.55 -7.46 8.43
CA MET A 39 0.46 -8.32 8.82
C MET A 39 0.30 -8.34 10.32
N THR A 40 1.43 -8.37 11.06
CA THR A 40 1.35 -8.42 12.51
C THR A 40 0.68 -7.16 13.01
N ASP A 41 1.10 -5.99 12.46
CA ASP A 41 0.51 -4.74 12.90
C ASP A 41 -0.91 -4.66 12.40
N TYR A 42 -1.17 -5.17 11.18
CA TYR A 42 -2.49 -5.13 10.59
C TYR A 42 -3.47 -5.87 11.47
N LYS A 43 -3.11 -7.09 11.91
CA LYS A 43 -4.00 -7.89 12.74
C LYS A 43 -4.09 -7.27 14.11
N ASN A 44 -3.08 -6.48 14.50
CA ASN A 44 -3.08 -5.86 15.82
C ASN A 44 -4.12 -4.78 15.87
N LYS A 45 -4.49 -4.18 14.71
CA LYS A 45 -5.46 -3.12 14.72
C LYS A 45 -6.82 -3.76 14.75
N PRO A 46 -7.79 -3.03 15.27
CA PRO A 46 -9.16 -3.52 15.33
C PRO A 46 -9.70 -3.86 13.97
N PRO A 47 -10.65 -4.75 13.87
CA PRO A 47 -11.19 -5.17 12.59
C PRO A 47 -11.78 -4.02 11.81
N HIS A 48 -12.24 -2.98 12.52
CA HIS A 48 -12.80 -1.83 11.86
C HIS A 48 -11.70 -1.10 11.14
N VAL A 49 -10.50 -1.02 11.76
CA VAL A 49 -9.38 -0.34 11.17
C VAL A 49 -8.88 -1.17 10.03
N GLN A 50 -8.86 -2.51 10.22
CA GLN A 50 -8.38 -3.40 9.19
C GLN A 50 -9.23 -3.24 7.96
N GLN A 51 -10.57 -3.18 8.14
CA GLN A 51 -11.45 -3.01 7.02
C GLN A 51 -11.30 -1.61 6.49
N ALA A 52 -11.13 -0.62 7.40
CA ALA A 52 -11.01 0.76 7.00
C ALA A 52 -9.79 0.95 6.13
N ALA A 53 -8.66 0.30 6.49
CA ALA A 53 -7.43 0.45 5.74
C ALA A 53 -7.63 -0.17 4.40
N ARG A 54 -8.32 -1.33 4.37
CA ARG A 54 -8.57 -2.03 3.14
C ARG A 54 -9.44 -1.18 2.25
N ASP A 55 -10.47 -0.53 2.82
CA ASP A 55 -11.36 0.28 2.02
C ASP A 55 -10.57 1.43 1.43
N ARG A 56 -9.66 2.02 2.23
CA ARG A 56 -8.88 3.15 1.77
C ARG A 56 -7.97 2.74 0.64
N ILE A 57 -7.31 1.55 0.72
CA ILE A 57 -6.40 1.16 -0.34
C ILE A 57 -7.20 0.77 -1.55
N HIS A 58 -8.42 0.25 -1.32
CA HIS A 58 -9.26 -0.18 -2.41
C HIS A 58 -9.69 1.05 -3.17
N TRP A 59 -10.04 2.12 -2.42
CA TRP A 59 -10.48 3.36 -3.03
C TRP A 59 -9.38 3.94 -3.88
N PHE A 60 -8.12 3.89 -3.41
CA PHE A 60 -7.03 4.47 -4.15
C PHE A 60 -6.92 3.84 -5.52
N PHE A 61 -6.81 2.49 -5.59
CA PHE A 61 -6.68 1.83 -6.87
C PHE A 61 -7.97 1.94 -7.64
N SER A 62 -9.12 1.82 -6.94
CA SER A 62 -10.42 1.87 -7.57
C SER A 62 -10.69 3.19 -8.24
N MET A 63 -10.22 4.33 -7.67
CA MET A 63 -10.56 5.60 -8.28
C MET A 63 -9.80 5.79 -9.56
N ASP A 64 -8.45 5.80 -9.50
CA ASP A 64 -7.68 5.94 -10.70
C ASP A 64 -6.29 6.31 -10.29
N TYR A 65 -5.35 6.20 -11.27
CA TYR A 65 -3.98 6.58 -11.05
C TYR A 65 -3.95 8.03 -10.65
N ALA A 66 -4.77 8.86 -11.35
CA ALA A 66 -4.79 10.26 -11.07
C ALA A 66 -5.22 10.51 -9.65
N GLY A 67 -6.22 9.75 -9.16
CA GLY A 67 -6.67 9.92 -7.79
C GLY A 67 -5.55 9.56 -6.85
N ARG A 68 -4.79 8.49 -7.15
CA ARG A 68 -3.71 8.10 -6.26
C ARG A 68 -2.66 9.17 -6.25
N ARG A 69 -2.32 9.73 -7.43
CA ARG A 69 -1.33 10.77 -7.51
C ARG A 69 -1.88 12.00 -6.83
N GLN A 70 -3.18 12.26 -7.06
CA GLN A 70 -3.86 13.39 -6.49
C GLN A 70 -3.83 13.32 -4.99
N TYR A 71 -4.12 12.13 -4.42
CA TYR A 71 -4.10 11.98 -2.98
C TYR A 71 -2.67 12.02 -2.50
N SER A 72 -1.73 11.50 -3.32
CA SER A 72 -0.33 11.48 -2.95
C SER A 72 0.15 12.90 -2.79
N GLU A 73 -0.24 13.78 -3.71
CA GLU A 73 0.19 15.16 -3.64
C GLU A 73 -0.38 15.79 -2.39
N ASN A 74 -1.65 15.50 -2.07
CA ASN A 74 -2.27 16.07 -0.89
C ASN A 74 -1.57 15.57 0.35
N THR A 75 -1.22 14.26 0.38
CA THR A 75 -0.57 13.71 1.56
C THR A 75 0.85 14.22 1.64
N ALA A 76 1.47 14.51 0.48
CA ALA A 76 2.82 15.02 0.48
C ALA A 76 2.81 16.37 1.15
N THR A 77 1.76 17.17 0.88
CA THR A 77 1.66 18.49 1.45
C THR A 77 1.34 18.37 2.91
N ASP A 78 0.41 17.45 3.28
CA ASP A 78 0.06 17.30 4.67
C ASP A 78 -0.05 15.82 4.94
N ALA A 79 0.89 15.29 5.76
CA ALA A 79 0.90 13.88 6.08
C ALA A 79 -0.35 13.51 6.83
N PHE A 80 -0.94 14.48 7.58
CA PHE A 80 -2.11 14.20 8.36
C PHE A 80 -3.33 14.37 7.49
N PHE A 81 -3.15 14.41 6.14
CA PHE A 81 -4.28 14.56 5.25
C PHE A 81 -5.11 13.31 5.35
N GLU A 82 -4.45 12.14 5.44
CA GLU A 82 -5.17 10.90 5.52
C GLU A 82 -5.89 10.86 6.84
N GLN A 83 -7.21 10.60 6.78
CA GLN A 83 -8.03 10.55 7.96
C GLN A 83 -7.63 9.36 8.79
N LEU A 84 -7.27 8.24 8.13
CA LEU A 84 -6.92 7.04 8.85
C LEU A 84 -5.54 7.16 9.42
N ALA A 85 -4.73 8.12 8.95
CA ALA A 85 -3.38 8.26 9.47
C ALA A 85 -3.50 8.75 10.90
N TRP A 86 -4.68 9.30 11.24
CA TRP A 86 -4.92 9.81 12.56
C TRP A 86 -5.03 8.65 13.52
N MET A 87 -5.60 7.51 13.05
CA MET A 87 -5.77 6.37 13.91
C MET A 87 -4.67 5.38 13.68
N TRP A 88 -4.28 5.17 12.41
CA TRP A 88 -3.25 4.22 12.12
C TRP A 88 -2.38 4.79 11.03
N PRO A 89 -1.23 5.32 11.41
CA PRO A 89 -0.32 5.92 10.46
C PRO A 89 0.47 4.91 9.66
N ASN A 90 0.41 3.62 10.06
CA ASN A 90 1.16 2.60 9.37
C ASN A 90 0.18 1.74 8.62
N TRP A 91 -1.04 2.28 8.35
CA TRP A 91 -2.05 1.53 7.64
C TRP A 91 -1.53 1.10 6.30
N ALA A 92 -0.61 1.87 5.68
CA ALA A 92 -0.08 1.46 4.39
C ALA A 92 1.41 1.44 4.49
N LYS A 93 1.95 0.63 5.44
CA LYS A 93 3.38 0.53 5.59
C LYS A 93 3.92 -0.28 4.46
N LEU A 94 3.21 -1.39 4.14
CA LEU A 94 3.62 -2.29 3.09
C LEU A 94 3.56 -1.61 1.75
N PHE A 95 2.46 -0.87 1.49
CA PHE A 95 2.29 -0.23 0.20
C PHE A 95 3.26 0.90 0.04
N PHE A 96 3.49 1.70 1.10
CA PHE A 96 4.39 2.81 0.99
C PHE A 96 5.67 2.43 1.68
N ASN A 97 6.27 1.29 1.26
CA ASN A 97 7.51 0.86 1.86
C ASN A 97 8.58 1.83 1.40
N ASN A 98 8.50 2.24 0.11
CA ASN A 98 9.42 3.22 -0.46
C ASN A 98 10.80 2.65 -0.59
N LYS A 99 10.93 1.33 -0.51
CA LYS A 99 12.22 0.73 -0.67
C LYS A 99 12.18 0.08 -2.01
N GLY A 100 13.09 -0.88 -2.21
CA GLY A 100 13.16 -1.62 -3.46
C GLY A 100 11.87 -2.37 -3.61
N VAL A 101 11.09 -2.43 -2.51
CA VAL A 101 9.82 -3.09 -2.50
C VAL A 101 8.92 -2.48 -3.55
N ALA A 102 8.94 -1.13 -3.67
CA ALA A 102 8.07 -0.48 -4.64
C ALA A 102 8.41 -0.96 -6.03
N ALA A 103 9.70 -1.06 -6.38
CA ALA A 103 10.07 -1.47 -7.71
C ALA A 103 9.85 -2.95 -7.88
N ASN A 104 10.22 -3.75 -6.87
CA ASN A 104 10.11 -5.19 -6.96
C ASN A 104 8.68 -5.64 -7.03
N THR A 105 7.77 -5.03 -6.22
CA THR A 105 6.38 -5.48 -6.23
C THR A 105 5.71 -5.11 -7.51
N THR A 106 6.08 -3.95 -8.07
CA THR A 106 5.47 -3.52 -9.31
C THR A 106 5.83 -4.47 -10.41
N ASP A 107 7.09 -4.94 -10.41
CA ASP A 107 7.57 -5.83 -11.44
C ASP A 107 7.08 -7.25 -11.23
N VAL A 108 6.40 -7.58 -10.10
CA VAL A 108 6.01 -8.97 -9.91
C VAL A 108 4.54 -9.08 -9.59
N CYS A 109 3.84 -7.95 -9.35
CA CYS A 109 2.43 -8.04 -9.05
C CYS A 109 1.72 -8.44 -10.31
N GLU A 110 2.41 -8.28 -11.44
CA GLU A 110 1.85 -8.61 -12.72
C GLU A 110 1.81 -10.11 -12.90
N GLN A 111 2.46 -10.88 -11.99
CA GLN A 111 2.46 -12.31 -12.15
C GLN A 111 1.49 -12.96 -11.21
N TYR A 112 1.22 -12.33 -10.04
CA TYR A 112 0.32 -12.93 -9.08
C TYR A 112 -1.09 -12.50 -9.41
N PRO A 113 -2.05 -13.33 -9.03
CA PRO A 113 -3.45 -13.06 -9.29
C PRO A 113 -4.05 -12.06 -8.31
N PRO A 114 -5.03 -11.31 -8.76
CA PRO A 114 -5.70 -10.31 -7.93
C PRO A 114 -6.82 -10.85 -7.10
N ASP A 115 -7.15 -12.15 -7.28
CA ASP A 115 -8.26 -12.74 -6.56
C ASP A 115 -7.73 -13.46 -5.35
N ASP A 116 -6.47 -13.17 -4.95
CA ASP A 116 -5.92 -13.83 -3.81
C ASP A 116 -6.39 -13.04 -2.60
N MET A 117 -7.46 -13.56 -1.94
CA MET A 117 -8.00 -12.88 -0.77
C MET A 117 -7.32 -13.40 0.46
N SER A 118 -6.38 -14.35 0.28
CA SER A 118 -5.68 -14.91 1.41
C SER A 118 -4.64 -13.93 1.88
N VAL A 119 -4.46 -12.83 1.12
CA VAL A 119 -3.48 -11.84 1.50
C VAL A 119 -3.95 -11.12 2.74
N TRP A 120 -5.27 -11.16 3.02
CA TRP A 120 -5.78 -10.47 4.16
C TRP A 120 -5.71 -11.37 5.38
N ASN A 121 -5.76 -12.70 5.17
CA ASN A 121 -5.73 -13.61 6.30
C ASN A 121 -4.42 -14.33 6.29
N TRP A 122 -3.49 -13.94 7.20
CA TRP A 122 -2.23 -14.60 7.28
C TRP A 122 -2.41 -15.89 8.07
N ALA A 1 20.26 19.98 0.08
CA ALA A 1 19.14 19.71 -0.85
C ALA A 1 19.01 18.24 -1.10
N ASP A 2 18.68 17.47 -0.04
CA ASP A 2 18.52 16.04 -0.18
C ASP A 2 17.05 15.77 -0.31
N ALA A 3 16.68 14.95 -1.32
CA ALA A 3 15.30 14.63 -1.52
C ALA A 3 15.26 13.32 -2.24
N THR A 4 14.12 12.60 -2.11
CA THR A 4 13.99 11.32 -2.76
C THR A 4 12.69 11.34 -3.51
N ASP A 5 12.54 10.44 -4.49
CA ASP A 5 11.32 10.38 -5.26
C ASP A 5 10.47 9.26 -4.72
N ASP A 6 10.88 8.69 -3.57
CA ASP A 6 10.13 7.60 -2.98
C ASP A 6 9.20 8.18 -1.96
N TYR A 7 9.26 9.50 -1.74
CA TYR A 7 8.40 10.17 -0.81
C TYR A 7 7.90 11.46 -1.46
N PRO A 8 6.56 11.72 -1.58
CA PRO A 8 5.48 10.85 -1.10
C PRO A 8 5.30 9.58 -1.90
N ILE A 9 4.04 9.18 -2.18
CA ILE A 9 3.77 7.94 -2.89
C ILE A 9 4.67 7.89 -4.11
N PRO A 10 5.45 6.82 -4.20
CA PRO A 10 6.40 6.66 -5.30
C PRO A 10 5.73 6.49 -6.63
N ASN A 11 6.46 6.90 -7.69
CA ASN A 11 5.96 6.83 -9.04
C ASN A 11 5.67 5.40 -9.42
N ARG A 12 6.54 4.45 -9.01
CA ARG A 12 6.35 3.06 -9.37
C ARG A 12 5.05 2.55 -8.79
N ILE A 13 4.77 2.86 -7.51
CA ILE A 13 3.54 2.39 -6.89
C ILE A 13 2.38 3.16 -7.45
N MET A 14 2.58 4.48 -7.69
CA MET A 14 1.52 5.32 -8.21
C MET A 14 1.05 4.80 -9.55
N ARG A 15 1.98 4.41 -10.43
CA ARG A 15 1.60 3.95 -11.74
C ARG A 15 1.65 2.44 -11.82
N THR A 16 1.22 1.72 -10.77
CA THR A 16 1.23 0.28 -10.83
C THR A 16 -0.20 -0.17 -10.84
N PRO A 17 -0.65 -0.72 -11.94
CA PRO A 17 -2.00 -1.19 -11.99
C PRO A 17 -2.10 -2.60 -11.49
N CYS A 18 -2.33 -2.73 -10.16
CA CYS A 18 -2.47 -4.03 -9.56
C CYS A 18 -3.46 -3.88 -8.46
N THR A 19 -4.18 -4.98 -8.11
CA THR A 19 -5.14 -4.90 -7.05
C THR A 19 -4.40 -5.04 -5.75
N ALA A 20 -5.06 -4.73 -4.62
CA ALA A 20 -4.42 -4.82 -3.32
C ALA A 20 -4.04 -6.25 -3.09
N GLU A 21 -4.96 -7.17 -3.43
CA GLU A 21 -4.74 -8.57 -3.23
C GLU A 21 -3.57 -9.00 -4.07
N GLN A 22 -3.47 -8.46 -5.30
CA GLN A 22 -2.42 -8.82 -6.21
C GLN A 22 -1.09 -8.37 -5.65
N ILE A 23 -1.04 -7.13 -5.10
CA ILE A 23 0.19 -6.62 -4.56
C ILE A 23 0.52 -7.33 -3.27
N MET A 24 -0.50 -7.57 -2.43
CA MET A 24 -0.28 -8.24 -1.17
C MET A 24 0.26 -9.63 -1.40
N ALA A 25 -0.27 -10.35 -2.42
CA ALA A 25 0.20 -11.69 -2.69
C ALA A 25 1.64 -11.63 -3.12
N ALA A 26 1.98 -10.66 -3.99
CA ALA A 26 3.33 -10.53 -4.47
C ALA A 26 4.23 -10.15 -3.33
N ALA A 27 3.74 -9.27 -2.44
CA ALA A 27 4.50 -8.80 -1.30
C ALA A 27 4.86 -9.97 -0.42
N ARG A 28 3.92 -10.91 -0.22
CA ARG A 28 4.17 -12.05 0.64
C ARG A 28 5.30 -12.87 0.07
N ASP A 29 5.30 -13.11 -1.25
CA ASP A 29 6.32 -13.94 -1.84
C ASP A 29 7.67 -13.26 -1.84
N VAL A 30 7.74 -11.95 -2.17
CA VAL A 30 9.04 -11.30 -2.24
C VAL A 30 9.58 -11.01 -0.86
N GLU A 31 8.74 -10.50 0.07
CA GLU A 31 9.25 -10.19 1.39
C GLU A 31 8.26 -10.68 2.40
N PRO A 32 8.33 -11.95 2.73
CA PRO A 32 7.41 -12.54 3.69
C PRO A 32 7.68 -12.07 5.08
N VAL A 33 8.95 -11.75 5.37
CA VAL A 33 9.33 -11.28 6.68
C VAL A 33 8.68 -9.95 6.92
N TYR A 34 8.76 -9.04 5.92
CA TYR A 34 8.18 -7.72 6.06
C TYR A 34 6.68 -7.86 6.04
N TYR A 35 6.16 -8.78 5.21
CA TYR A 35 4.73 -8.98 5.09
C TYR A 35 4.19 -9.41 6.44
N GLU A 36 4.93 -10.31 7.14
CA GLU A 36 4.48 -10.79 8.43
C GLU A 36 4.42 -9.64 9.40
N ARG A 37 5.40 -8.69 9.33
CA ARG A 37 5.37 -7.56 10.24
C ARG A 37 4.13 -6.75 9.97
N TYR A 38 3.79 -6.56 8.67
CA TYR A 38 2.61 -5.81 8.31
C TYR A 38 1.40 -6.52 8.84
N MET A 39 1.33 -7.86 8.65
CA MET A 39 0.20 -8.64 9.12
C MET A 39 0.11 -8.57 10.62
N THR A 40 1.26 -8.62 11.31
CA THR A 40 1.25 -8.57 12.77
C THR A 40 0.68 -7.25 13.21
N ASP A 41 1.12 -6.14 12.58
CA ASP A 41 0.63 -4.84 12.95
C ASP A 41 -0.83 -4.74 12.55
N TYR A 42 -1.18 -5.33 11.39
CA TYR A 42 -2.54 -5.30 10.90
C TYR A 42 -3.47 -5.92 11.90
N LYS A 43 -3.12 -7.12 12.41
CA LYS A 43 -3.96 -7.81 13.37
C LYS A 43 -3.94 -7.07 14.67
N ASN A 44 -2.87 -6.28 14.93
CA ASN A 44 -2.78 -5.55 16.17
C ASN A 44 -3.79 -4.43 16.20
N LYS A 45 -4.23 -3.94 15.01
CA LYS A 45 -5.17 -2.86 14.98
C LYS A 45 -6.53 -3.49 15.13
N PRO A 46 -7.46 -2.74 15.66
CA PRO A 46 -8.81 -3.23 15.86
C PRO A 46 -9.51 -3.46 14.56
N PRO A 47 -10.55 -4.27 14.56
CA PRO A 47 -11.30 -4.58 13.34
C PRO A 47 -11.76 -3.37 12.58
N HIS A 48 -12.11 -2.29 13.30
CA HIS A 48 -12.57 -1.09 12.65
C HIS A 48 -11.45 -0.51 11.82
N VAL A 49 -10.20 -0.54 12.33
CA VAL A 49 -9.09 0.02 11.61
C VAL A 49 -8.76 -0.89 10.47
N GLN A 50 -8.81 -2.23 10.73
CA GLN A 50 -8.49 -3.19 9.71
C GLN A 50 -9.46 -3.02 8.57
N GLN A 51 -10.77 -2.86 8.88
CA GLN A 51 -11.75 -2.68 7.85
C GLN A 51 -11.56 -1.32 7.22
N ALA A 52 -11.22 -0.30 8.05
CA ALA A 52 -11.05 1.04 7.54
C ALA A 52 -9.93 1.08 6.54
N ALA A 53 -8.80 0.42 6.85
CA ALA A 53 -7.66 0.43 5.94
C ALA A 53 -8.03 -0.25 4.65
N ARG A 54 -8.75 -1.39 4.73
CA ARG A 54 -9.13 -2.12 3.54
C ARG A 54 -10.14 -1.34 2.75
N ASP A 55 -11.08 -0.65 3.44
CA ASP A 55 -12.08 0.11 2.74
C ASP A 55 -11.40 1.20 1.96
N ARG A 56 -10.41 1.87 2.59
CA ARG A 56 -9.72 2.95 1.92
C ARG A 56 -8.84 2.42 0.82
N ILE A 57 -8.19 1.24 1.01
CA ILE A 57 -7.29 0.74 -0.02
C ILE A 57 -8.12 0.33 -1.20
N HIS A 58 -9.41 -0.01 -0.96
CA HIS A 58 -10.28 -0.42 -2.02
C HIS A 58 -10.53 0.76 -2.91
N TRP A 59 -10.79 1.94 -2.30
CA TRP A 59 -11.06 3.14 -3.06
C TRP A 59 -9.79 3.59 -3.73
N PHE A 60 -8.63 3.43 -3.06
CA PHE A 60 -7.37 3.87 -3.61
C PHE A 60 -7.11 3.13 -4.91
N PHE A 61 -7.22 1.78 -4.88
CA PHE A 61 -6.98 1.01 -6.08
C PHE A 61 -8.11 1.17 -7.06
N SER A 62 -9.35 1.43 -6.56
CA SER A 62 -10.48 1.59 -7.46
C SER A 62 -10.23 2.77 -8.35
N MET A 63 -9.81 3.92 -7.76
CA MET A 63 -9.53 5.09 -8.56
C MET A 63 -8.25 4.82 -9.31
N ASP A 64 -7.31 4.15 -8.61
CA ASP A 64 -6.06 3.76 -9.18
C ASP A 64 -5.18 4.96 -9.36
N TYR A 65 -4.73 5.22 -10.60
CA TYR A 65 -3.85 6.32 -10.87
C TYR A 65 -4.52 7.61 -10.51
N ALA A 66 -5.84 7.73 -10.79
CA ALA A 66 -6.53 8.95 -10.50
C ALA A 66 -6.50 9.25 -9.02
N GLY A 67 -6.76 8.24 -8.18
CA GLY A 67 -6.76 8.46 -6.75
C GLY A 67 -5.37 8.67 -6.26
N ARG A 68 -4.42 7.84 -6.76
CA ARG A 68 -3.06 7.93 -6.31
C ARG A 68 -2.46 9.26 -6.67
N ARG A 69 -2.78 9.80 -7.87
CA ARG A 69 -2.22 11.07 -8.26
C ARG A 69 -2.69 12.13 -7.29
N GLN A 70 -3.99 12.15 -6.96
CA GLN A 70 -4.51 13.15 -6.05
C GLN A 70 -3.97 12.94 -4.67
N TYR A 71 -3.87 11.67 -4.21
CA TYR A 71 -3.37 11.42 -2.88
C TYR A 71 -1.91 11.78 -2.83
N SER A 72 -1.16 11.49 -3.91
CA SER A 72 0.25 11.80 -3.92
C SER A 72 0.42 13.30 -3.83
N GLU A 73 -0.37 14.06 -4.61
CA GLU A 73 -0.27 15.50 -4.60
C GLU A 73 -0.78 16.03 -3.27
N ASN A 74 -1.91 15.48 -2.77
CA ASN A 74 -2.45 15.96 -1.51
C ASN A 74 -1.51 15.66 -0.38
N THR A 75 -0.87 14.47 -0.37
CA THR A 75 0.04 14.13 0.71
C THR A 75 1.30 14.95 0.59
N ALA A 76 1.63 15.41 -0.63
CA ALA A 76 2.83 16.20 -0.83
C ALA A 76 2.71 17.49 -0.06
N THR A 77 1.50 18.10 -0.04
CA THR A 77 1.34 19.36 0.64
C THR A 77 1.01 19.13 2.10
N ASP A 78 0.48 17.94 2.44
CA ASP A 78 0.15 17.67 3.82
C ASP A 78 0.33 16.19 4.05
N ALA A 79 1.39 15.83 4.79
CA ALA A 79 1.67 14.44 5.05
C ALA A 79 0.55 13.82 5.82
N PHE A 80 -0.04 14.58 6.78
CA PHE A 80 -1.10 14.05 7.60
C PHE A 80 -2.43 14.30 6.92
N PHE A 81 -2.46 14.29 5.57
CA PHE A 81 -3.68 14.50 4.84
C PHE A 81 -4.57 13.31 5.04
N GLU A 82 -3.97 12.10 5.00
CA GLU A 82 -4.73 10.89 5.15
C GLU A 82 -5.24 10.82 6.56
N GLN A 83 -6.56 10.60 6.72
CA GLN A 83 -7.16 10.53 8.02
C GLN A 83 -6.74 9.24 8.69
N LEU A 84 -6.33 8.24 7.90
CA LEU A 84 -5.91 6.98 8.45
C LEU A 84 -4.59 7.16 9.15
N ALA A 85 -3.77 8.13 8.69
CA ALA A 85 -2.49 8.35 9.31
C ALA A 85 -2.70 8.79 10.73
N TRP A 86 -3.90 9.34 11.01
CA TRP A 86 -4.23 9.81 12.33
C TRP A 86 -4.39 8.63 13.26
N MET A 87 -4.90 7.48 12.74
CA MET A 87 -5.13 6.32 13.58
C MET A 87 -4.05 5.30 13.38
N TRP A 88 -3.83 4.88 12.11
CA TRP A 88 -2.85 3.86 11.84
C TRP A 88 -1.91 4.39 10.79
N PRO A 89 -0.80 4.95 11.22
CA PRO A 89 0.21 5.50 10.32
C PRO A 89 0.87 4.48 9.45
N ASN A 90 0.78 3.18 9.83
CA ASN A 90 1.44 2.15 9.07
C ASN A 90 0.40 1.36 8.32
N TRP A 91 -0.79 1.96 8.12
CA TRP A 91 -1.86 1.27 7.44
C TRP A 91 -1.43 0.87 6.05
N ALA A 92 -0.53 1.63 5.39
CA ALA A 92 -0.14 1.23 4.05
C ALA A 92 1.35 1.35 3.90
N LYS A 93 2.12 0.65 4.77
CA LYS A 93 3.56 0.66 4.63
C LYS A 93 3.93 -0.41 3.65
N LEU A 94 3.06 -1.44 3.55
CA LEU A 94 3.29 -2.54 2.66
C LEU A 94 3.12 -2.04 1.24
N PHE A 95 2.11 -1.18 1.01
CA PHE A 95 1.85 -0.68 -0.31
C PHE A 95 2.77 0.48 -0.64
N PHE A 96 2.91 1.46 0.28
CA PHE A 96 3.77 2.58 0.02
C PHE A 96 5.00 2.38 0.84
N ASN A 97 6.18 2.37 0.19
CA ASN A 97 7.38 2.16 0.91
C ASN A 97 8.45 2.94 0.20
N ASN A 98 9.65 2.98 0.80
CA ASN A 98 10.74 3.73 0.24
C ASN A 98 11.85 2.81 -0.08
N LYS A 99 11.77 1.57 0.40
CA LYS A 99 12.82 0.63 0.13
C LYS A 99 12.61 0.12 -1.27
N GLY A 100 13.27 -1.00 -1.57
CA GLY A 100 13.18 -1.64 -2.86
C GLY A 100 11.78 -2.11 -3.05
N VAL A 101 10.96 -2.08 -1.99
CA VAL A 101 9.59 -2.52 -2.06
C VAL A 101 8.86 -1.72 -3.10
N ALA A 102 9.06 -0.39 -3.17
CA ALA A 102 8.34 0.41 -4.15
C ALA A 102 8.65 -0.06 -5.55
N ALA A 103 9.91 -0.44 -5.82
CA ALA A 103 10.28 -0.84 -7.17
C ALA A 103 9.95 -2.30 -7.41
N ASN A 104 10.40 -3.18 -6.49
CA ASN A 104 10.19 -4.61 -6.65
C ASN A 104 8.73 -4.95 -6.65
N THR A 105 7.94 -4.30 -5.76
CA THR A 105 6.52 -4.61 -5.64
C THR A 105 5.83 -4.34 -6.94
N THR A 106 6.13 -3.19 -7.57
CA THR A 106 5.50 -2.84 -8.83
C THR A 106 5.93 -3.82 -9.88
N ASP A 107 7.22 -4.20 -9.88
CA ASP A 107 7.74 -5.09 -10.87
C ASP A 107 7.32 -6.53 -10.64
N VAL A 108 6.63 -6.88 -9.51
CA VAL A 108 6.30 -8.28 -9.31
C VAL A 108 4.83 -8.48 -9.14
N CYS A 109 4.04 -7.40 -8.88
CA CYS A 109 2.61 -7.60 -8.71
C CYS A 109 2.02 -7.95 -10.04
N GLU A 110 2.78 -7.69 -11.11
CA GLU A 110 2.32 -7.97 -12.44
C GLU A 110 2.45 -9.44 -12.74
N GLN A 111 3.06 -10.24 -11.83
CA GLN A 111 3.24 -11.65 -12.12
C GLN A 111 2.42 -12.50 -11.16
N TYR A 112 1.40 -11.93 -10.48
CA TYR A 112 0.61 -12.76 -9.58
C TYR A 112 -0.84 -12.47 -9.82
N PRO A 113 -1.69 -13.45 -9.54
CA PRO A 113 -3.14 -13.31 -9.71
C PRO A 113 -3.74 -12.25 -8.83
N PRO A 114 -4.68 -11.49 -9.34
CA PRO A 114 -5.35 -10.43 -8.58
C PRO A 114 -6.51 -10.91 -7.77
N ASP A 115 -6.89 -12.19 -7.93
CA ASP A 115 -8.03 -12.73 -7.23
C ASP A 115 -7.55 -13.61 -6.12
N ASP A 116 -6.33 -13.34 -5.59
CA ASP A 116 -5.81 -14.15 -4.53
C ASP A 116 -6.41 -13.62 -3.25
N MET A 117 -7.42 -14.33 -2.71
CA MET A 117 -8.08 -13.91 -1.49
C MET A 117 -7.34 -14.48 -0.32
N SER A 118 -6.24 -15.21 -0.56
CA SER A 118 -5.50 -15.81 0.54
C SER A 118 -4.76 -14.72 1.27
N VAL A 119 -4.70 -13.51 0.67
CA VAL A 119 -4.00 -12.41 1.32
C VAL A 119 -4.91 -11.82 2.37
N TRP A 120 -6.22 -12.17 2.33
CA TRP A 120 -7.14 -11.62 3.31
C TRP A 120 -6.89 -12.25 4.64
N ASN A 121 -6.40 -13.51 4.67
CA ASN A 121 -6.18 -14.18 5.93
C ASN A 121 -4.88 -14.92 5.83
N TRP A 122 -3.89 -14.50 6.66
CA TRP A 122 -2.62 -15.15 6.67
C TRP A 122 -2.81 -16.59 7.19
#